data_1XWP
# 
_entry.id   1XWP 
# 
_audit_conform.dict_name       mmcif_pdbx.dic 
_audit_conform.dict_version    5.392 
_audit_conform.dict_location   http://mmcif.pdb.org/dictionaries/ascii/mmcif_pdbx.dic 
# 
loop_
_database_2.database_id 
_database_2.database_code 
_database_2.pdbx_database_accession 
_database_2.pdbx_DOI 
PDB   1XWP         pdb_00001xwp 10.2210/pdb1xwp/pdb 
RCSB  RCSB030853   ?            ?                   
WWPDB D_1000030853 ?            ?                   
# 
loop_
_pdbx_audit_revision_history.ordinal 
_pdbx_audit_revision_history.data_content_type 
_pdbx_audit_revision_history.major_revision 
_pdbx_audit_revision_history.minor_revision 
_pdbx_audit_revision_history.revision_date 
1 'Structure model' 1 0 2005-02-15 
2 'Structure model' 1 1 2008-04-30 
3 'Structure model' 1 2 2011-07-13 
4 'Structure model' 1 3 2022-03-02 
5 'Structure model' 1 4 2024-05-29 
# 
_pdbx_audit_revision_details.ordinal             1 
_pdbx_audit_revision_details.revision_ordinal    1 
_pdbx_audit_revision_details.data_content_type   'Structure model' 
_pdbx_audit_revision_details.provider            repository 
_pdbx_audit_revision_details.type                'Initial release' 
_pdbx_audit_revision_details.description         ? 
_pdbx_audit_revision_details.details             ? 
# 
loop_
_pdbx_audit_revision_group.ordinal 
_pdbx_audit_revision_group.revision_ordinal 
_pdbx_audit_revision_group.data_content_type 
_pdbx_audit_revision_group.group 
1 2 'Structure model' 'Version format compliance' 
2 3 'Structure model' 'Version format compliance' 
3 4 'Structure model' 'Data collection'           
4 4 'Structure model' 'Database references'       
5 4 'Structure model' 'Derived calculations'      
6 5 'Structure model' 'Data collection'           
# 
loop_
_pdbx_audit_revision_category.ordinal 
_pdbx_audit_revision_category.revision_ordinal 
_pdbx_audit_revision_category.data_content_type 
_pdbx_audit_revision_category.category 
1 4 'Structure model' database_2            
2 4 'Structure model' pdbx_nmr_software     
3 4 'Structure model' pdbx_struct_assembly  
4 4 'Structure model' pdbx_struct_oper_list 
5 5 'Structure model' chem_comp_atom        
6 5 'Structure model' chem_comp_bond        
# 
loop_
_pdbx_audit_revision_item.ordinal 
_pdbx_audit_revision_item.revision_ordinal 
_pdbx_audit_revision_item.data_content_type 
_pdbx_audit_revision_item.item 
1 4 'Structure model' '_database_2.pdbx_DOI'                
2 4 'Structure model' '_database_2.pdbx_database_accession' 
3 4 'Structure model' '_pdbx_nmr_software.name'             
# 
_pdbx_database_status.status_code                     REL 
_pdbx_database_status.entry_id                        1XWP 
_pdbx_database_status.recvd_initial_deposition_date   2004-11-02 
_pdbx_database_status.deposit_site                    RCSB 
_pdbx_database_status.process_site                    PDBJ 
_pdbx_database_status.status_code_sf                  ? 
_pdbx_database_status.status_code_mr                  REL 
_pdbx_database_status.SG_entry                        ? 
_pdbx_database_status.pdb_format_compatible           Y 
_pdbx_database_status.status_code_cs                  ? 
_pdbx_database_status.status_code_nmr_data            ? 
_pdbx_database_status.methods_development_category    ? 
# 
_pdbx_database_related.db_name        PDB 
_pdbx_database_related.db_id          1XWU 
_pdbx_database_related.details        'a hairpin loop domain of an RNA aptamer against mammalian initiation factor 4A' 
_pdbx_database_related.content_type   unspecified 
# 
loop_
_audit_author.name 
_audit_author.pdbx_ordinal 
'Sakamoto, T.' 1 
'Oguro, A.'    2 
'Kawai, G.'    3 
'Ohtsu, T.'    4 
'Nakamura, Y.' 5 
# 
_citation.id                        primary 
_citation.title                     'NMR structures of double loops of an RNA aptamer against mammalian initiation factor 4A' 
_citation.journal_abbrev            'Nucleic Acids Res.' 
_citation.journal_volume            33 
_citation.page_first                745 
_citation.page_last                 754 
_citation.year                      2005 
_citation.journal_id_ASTM           NARHAD 
_citation.country                   UK 
_citation.journal_id_ISSN           0305-1048 
_citation.journal_id_CSD            0389 
_citation.book_publisher            ? 
_citation.pdbx_database_id_PubMed   15687383 
_citation.pdbx_database_id_DOI      10.1093/nar/gki222 
# 
loop_
_citation_author.citation_id 
_citation_author.name 
_citation_author.ordinal 
_citation_author.identifier_ORCID 
primary 'Sakamoto, T.' 1 ? 
primary 'Oguro, A.'    2 ? 
primary 'Kawai, G.'    3 ? 
primary 'Ohtsu, T.'    4 ? 
primary 'Nakamura, Y.' 5 ? 
# 
_entity.id                         1 
_entity.type                       polymer 
_entity.src_method                 syn 
_entity.pdbx_description           "5'-R(*GP*GP*AP*GP*AP*UP*CP*GP*CP*AP*CP*UP*CP*CP*A)-3'" 
_entity.formula_weight             4790.929 
_entity.pdbx_number_of_molecules   1 
_entity.pdbx_ec                    ? 
_entity.pdbx_mutation              ? 
_entity.pdbx_fragment              ? 
_entity.details                    ? 
# 
_entity_name_com.entity_id   1 
_entity_name_com.name        'AUCGCA hexa-nucleotide loop' 
# 
_entity_poly.entity_id                      1 
_entity_poly.type                           polyribonucleotide 
_entity_poly.nstd_linkage                   no 
_entity_poly.nstd_monomer                   no 
_entity_poly.pdbx_seq_one_letter_code       GGAGAUCGCACUCCA 
_entity_poly.pdbx_seq_one_letter_code_can   GGAGAUCGCACUCCA 
_entity_poly.pdbx_strand_id                 A 
_entity_poly.pdbx_target_identifier         ? 
# 
loop_
_entity_poly_seq.entity_id 
_entity_poly_seq.num 
_entity_poly_seq.mon_id 
_entity_poly_seq.hetero 
1 1  G n 
1 2  G n 
1 3  A n 
1 4  G n 
1 5  A n 
1 6  U n 
1 7  C n 
1 8  G n 
1 9  C n 
1 10 A n 
1 11 C n 
1 12 U n 
1 13 C n 
1 14 C n 
1 15 A n 
# 
loop_
_chem_comp.id 
_chem_comp.type 
_chem_comp.mon_nstd_flag 
_chem_comp.name 
_chem_comp.pdbx_synonyms 
_chem_comp.formula 
_chem_comp.formula_weight 
A 'RNA linking' y "ADENOSINE-5'-MONOPHOSPHATE" ? 'C10 H14 N5 O7 P' 347.221 
C 'RNA linking' y "CYTIDINE-5'-MONOPHOSPHATE"  ? 'C9 H14 N3 O8 P'  323.197 
G 'RNA linking' y "GUANOSINE-5'-MONOPHOSPHATE" ? 'C10 H14 N5 O8 P' 363.221 
U 'RNA linking' y "URIDINE-5'-MONOPHOSPHATE"   ? 'C9 H13 N2 O9 P'  324.181 
# 
loop_
_pdbx_poly_seq_scheme.asym_id 
_pdbx_poly_seq_scheme.entity_id 
_pdbx_poly_seq_scheme.seq_id 
_pdbx_poly_seq_scheme.mon_id 
_pdbx_poly_seq_scheme.ndb_seq_num 
_pdbx_poly_seq_scheme.pdb_seq_num 
_pdbx_poly_seq_scheme.auth_seq_num 
_pdbx_poly_seq_scheme.pdb_mon_id 
_pdbx_poly_seq_scheme.auth_mon_id 
_pdbx_poly_seq_scheme.pdb_strand_id 
_pdbx_poly_seq_scheme.pdb_ins_code 
_pdbx_poly_seq_scheme.hetero 
A 1 1  G 1  1  1  G G A . n 
A 1 2  G 2  2  2  G G A . n 
A 1 3  A 3  3  3  A A A . n 
A 1 4  G 4  4  4  G G A . n 
A 1 5  A 5  5  5  A A A . n 
A 1 6  U 6  6  6  U U A . n 
A 1 7  C 7  7  7  C C A . n 
A 1 8  G 8  8  8  G G A . n 
A 1 9  C 9  9  9  C C A . n 
A 1 10 A 10 10 10 A A A . n 
A 1 11 C 11 11 11 C C A . n 
A 1 12 U 12 12 12 U U A . n 
A 1 13 C 13 13 13 C C A . n 
A 1 14 C 14 14 14 C C A . n 
A 1 15 A 15 15 15 A A A . n 
# 
_exptl.entry_id          1XWP 
_exptl.method            'SOLUTION NMR' 
_exptl.crystals_number   ? 
# 
_exptl_crystal.id                    1 
_exptl_crystal.density_meas          ? 
_exptl_crystal.density_Matthews      ? 
_exptl_crystal.density_percent_sol   ? 
_exptl_crystal.description           ? 
# 
_diffrn.id                     1 
_diffrn.ambient_temp           ? 
_diffrn.ambient_temp_details   ? 
_diffrn.crystal_id             1 
# 
_diffrn_radiation.diffrn_id                        1 
_diffrn_radiation.wavelength_id                    1 
_diffrn_radiation.pdbx_monochromatic_or_laue_m_l   M 
_diffrn_radiation.monochromator                    ? 
_diffrn_radiation.pdbx_diffrn_protocol             'SINGLE WAVELENGTH' 
_diffrn_radiation.pdbx_scattering_type             ? 
# 
_diffrn_radiation_wavelength.id           1 
_diffrn_radiation_wavelength.wavelength   . 
_diffrn_radiation_wavelength.wt           1.0 
# 
_struct.entry_id                  1XWP 
_struct.title                     'Solution structure of AUCGCA loop' 
_struct.pdbx_model_details        ? 
_struct.pdbx_CASP_flag            ? 
_struct.pdbx_model_type_details   'minimized average' 
# 
_struct_keywords.entry_id        1XWP 
_struct_keywords.pdbx_keywords   RNA 
_struct_keywords.text            'hairpin loop, RNA' 
# 
_struct_asym.id                            A 
_struct_asym.pdbx_blank_PDB_chainid_flag   N 
_struct_asym.pdbx_modified                 N 
_struct_asym.entity_id                     1 
_struct_asym.details                       ? 
# 
_struct_ref.id                         1 
_struct_ref.entity_id                  1 
_struct_ref.db_name                    PDB 
_struct_ref.db_code                    1XWP 
_struct_ref.pdbx_db_accession          1XWP 
_struct_ref.pdbx_db_isoform            ? 
_struct_ref.pdbx_seq_one_letter_code   ? 
_struct_ref.pdbx_align_begin           ? 
# 
_struct_ref_seq.align_id                      1 
_struct_ref_seq.ref_id                        1 
_struct_ref_seq.pdbx_PDB_id_code              1XWP 
_struct_ref_seq.pdbx_strand_id                A 
_struct_ref_seq.seq_align_beg                 1 
_struct_ref_seq.pdbx_seq_align_beg_ins_code   ? 
_struct_ref_seq.seq_align_end                 15 
_struct_ref_seq.pdbx_seq_align_end_ins_code   ? 
_struct_ref_seq.pdbx_db_accession             1XWP 
_struct_ref_seq.db_align_beg                  1 
_struct_ref_seq.pdbx_db_align_beg_ins_code    ? 
_struct_ref_seq.db_align_end                  15 
_struct_ref_seq.pdbx_db_align_end_ins_code    ? 
_struct_ref_seq.pdbx_auth_seq_align_beg       1 
_struct_ref_seq.pdbx_auth_seq_align_end       15 
# 
_pdbx_struct_assembly.id                   1 
_pdbx_struct_assembly.details              author_defined_assembly 
_pdbx_struct_assembly.method_details       ? 
_pdbx_struct_assembly.oligomeric_details   monomeric 
_pdbx_struct_assembly.oligomeric_count     1 
# 
_pdbx_struct_assembly_gen.assembly_id       1 
_pdbx_struct_assembly_gen.oper_expression   1 
_pdbx_struct_assembly_gen.asym_id_list      A 
# 
_pdbx_struct_oper_list.id                   1 
_pdbx_struct_oper_list.type                 'identity operation' 
_pdbx_struct_oper_list.name                 1_555 
_pdbx_struct_oper_list.symmetry_operation   x,y,z 
_pdbx_struct_oper_list.matrix[1][1]         1.0000000000 
_pdbx_struct_oper_list.matrix[1][2]         0.0000000000 
_pdbx_struct_oper_list.matrix[1][3]         0.0000000000 
_pdbx_struct_oper_list.vector[1]            0.0000000000 
_pdbx_struct_oper_list.matrix[2][1]         0.0000000000 
_pdbx_struct_oper_list.matrix[2][2]         1.0000000000 
_pdbx_struct_oper_list.matrix[2][3]         0.0000000000 
_pdbx_struct_oper_list.vector[2]            0.0000000000 
_pdbx_struct_oper_list.matrix[3][1]         0.0000000000 
_pdbx_struct_oper_list.matrix[3][2]         0.0000000000 
_pdbx_struct_oper_list.matrix[3][3]         1.0000000000 
_pdbx_struct_oper_list.vector[3]            0.0000000000 
# 
_struct_biol.id   1 
# 
loop_
_struct_conn.id 
_struct_conn.conn_type_id 
_struct_conn.pdbx_leaving_atom_flag 
_struct_conn.pdbx_PDB_id 
_struct_conn.ptnr1_label_asym_id 
_struct_conn.ptnr1_label_comp_id 
_struct_conn.ptnr1_label_seq_id 
_struct_conn.ptnr1_label_atom_id 
_struct_conn.pdbx_ptnr1_label_alt_id 
_struct_conn.pdbx_ptnr1_PDB_ins_code 
_struct_conn.pdbx_ptnr1_standard_comp_id 
_struct_conn.ptnr1_symmetry 
_struct_conn.ptnr2_label_asym_id 
_struct_conn.ptnr2_label_comp_id 
_struct_conn.ptnr2_label_seq_id 
_struct_conn.ptnr2_label_atom_id 
_struct_conn.pdbx_ptnr2_label_alt_id 
_struct_conn.pdbx_ptnr2_PDB_ins_code 
_struct_conn.ptnr1_auth_asym_id 
_struct_conn.ptnr1_auth_comp_id 
_struct_conn.ptnr1_auth_seq_id 
_struct_conn.ptnr2_auth_asym_id 
_struct_conn.ptnr2_auth_comp_id 
_struct_conn.ptnr2_auth_seq_id 
_struct_conn.ptnr2_symmetry 
_struct_conn.pdbx_ptnr3_label_atom_id 
_struct_conn.pdbx_ptnr3_label_seq_id 
_struct_conn.pdbx_ptnr3_label_comp_id 
_struct_conn.pdbx_ptnr3_label_asym_id 
_struct_conn.pdbx_ptnr3_label_alt_id 
_struct_conn.pdbx_ptnr3_PDB_ins_code 
_struct_conn.details 
_struct_conn.pdbx_dist_value 
_struct_conn.pdbx_value_order 
_struct_conn.pdbx_role 
hydrog1  hydrog ? ? A G 1 N1 ? ? ? 1_555 A C 14 N3 ? ? A G 1 A C 14 1_555 ? ? ? ? ? ? WATSON-CRICK  ? ? ? 
hydrog2  hydrog ? ? A G 1 N2 ? ? ? 1_555 A C 14 O2 ? ? A G 1 A C 14 1_555 ? ? ? ? ? ? WATSON-CRICK  ? ? ? 
hydrog3  hydrog ? ? A G 1 O6 ? ? ? 1_555 A C 14 N4 ? ? A G 1 A C 14 1_555 ? ? ? ? ? ? WATSON-CRICK  ? ? ? 
hydrog4  hydrog ? ? A G 2 N1 ? ? ? 1_555 A C 13 N3 ? ? A G 2 A C 13 1_555 ? ? ? ? ? ? WATSON-CRICK  ? ? ? 
hydrog5  hydrog ? ? A G 2 N2 ? ? ? 1_555 A C 13 O2 ? ? A G 2 A C 13 1_555 ? ? ? ? ? ? WATSON-CRICK  ? ? ? 
hydrog6  hydrog ? ? A G 2 O6 ? ? ? 1_555 A C 13 N4 ? ? A G 2 A C 13 1_555 ? ? ? ? ? ? WATSON-CRICK  ? ? ? 
hydrog7  hydrog ? ? A A 3 N1 ? ? ? 1_555 A U 12 N3 ? ? A A 3 A U 12 1_555 ? ? ? ? ? ? WATSON-CRICK  ? ? ? 
hydrog8  hydrog ? ? A A 3 N6 ? ? ? 1_555 A U 12 O4 ? ? A A 3 A U 12 1_555 ? ? ? ? ? ? WATSON-CRICK  ? ? ? 
hydrog9  hydrog ? ? A G 4 N1 ? ? ? 1_555 A C 11 N3 ? ? A G 4 A C 11 1_555 ? ? ? ? ? ? WATSON-CRICK  ? ? ? 
hydrog10 hydrog ? ? A G 4 N2 ? ? ? 1_555 A C 11 O2 ? ? A G 4 A C 11 1_555 ? ? ? ? ? ? WATSON-CRICK  ? ? ? 
hydrog11 hydrog ? ? A G 4 O6 ? ? ? 1_555 A C 11 N4 ? ? A G 4 A C 11 1_555 ? ? ? ? ? ? WATSON-CRICK  ? ? ? 
hydrog12 hydrog ? ? A A 5 N3 ? ? ? 1_555 A A 10 N6 ? ? A A 5 A A 10 1_555 ? ? ? ? ? ? 'A-A MISPAIR' ? ? ? 
# 
_struct_conn_type.id          hydrog 
_struct_conn_type.criteria    ? 
_struct_conn_type.reference   ? 
# 
loop_
_pdbx_validate_rmsd_angle.id 
_pdbx_validate_rmsd_angle.PDB_model_num 
_pdbx_validate_rmsd_angle.auth_atom_id_1 
_pdbx_validate_rmsd_angle.auth_asym_id_1 
_pdbx_validate_rmsd_angle.auth_comp_id_1 
_pdbx_validate_rmsd_angle.auth_seq_id_1 
_pdbx_validate_rmsd_angle.PDB_ins_code_1 
_pdbx_validate_rmsd_angle.label_alt_id_1 
_pdbx_validate_rmsd_angle.auth_atom_id_2 
_pdbx_validate_rmsd_angle.auth_asym_id_2 
_pdbx_validate_rmsd_angle.auth_comp_id_2 
_pdbx_validate_rmsd_angle.auth_seq_id_2 
_pdbx_validate_rmsd_angle.PDB_ins_code_2 
_pdbx_validate_rmsd_angle.label_alt_id_2 
_pdbx_validate_rmsd_angle.auth_atom_id_3 
_pdbx_validate_rmsd_angle.auth_asym_id_3 
_pdbx_validate_rmsd_angle.auth_comp_id_3 
_pdbx_validate_rmsd_angle.auth_seq_id_3 
_pdbx_validate_rmsd_angle.PDB_ins_code_3 
_pdbx_validate_rmsd_angle.label_alt_id_3 
_pdbx_validate_rmsd_angle.angle_value 
_pdbx_validate_rmsd_angle.angle_target_value 
_pdbx_validate_rmsd_angle.angle_deviation 
_pdbx_validate_rmsd_angle.angle_standard_deviation 
_pdbx_validate_rmsd_angle.linker_flag 
1 1 "O4'" A C 9  ? ? "C1'" A C 9  ? ? N1 A C 9  ? ? 112.97 108.50 4.47 0.70 N 
2 1 "O4'" A U 12 ? ? "C1'" A U 12 ? ? N1 A U 12 ? ? 113.70 108.50 5.20 0.70 N 
3 1 "O4'" A C 13 ? ? "C1'" A C 13 ? ? N1 A C 13 ? ? 113.26 108.50 4.76 0.70 N 
# 
loop_
_pdbx_validate_planes.id 
_pdbx_validate_planes.PDB_model_num 
_pdbx_validate_planes.auth_comp_id 
_pdbx_validate_planes.auth_asym_id 
_pdbx_validate_planes.auth_seq_id 
_pdbx_validate_planes.PDB_ins_code 
_pdbx_validate_planes.label_alt_id 
_pdbx_validate_planes.rmsd 
_pdbx_validate_planes.type 
1 1 U A 6  ? ? 0.080 'SIDE CHAIN' 
2 1 C A 11 ? ? 0.096 'SIDE CHAIN' 
# 
_pdbx_nmr_ensemble.entry_id                             1XWP 
_pdbx_nmr_ensemble.conformers_calculated_total_number   ? 
_pdbx_nmr_ensemble.conformers_submitted_total_number    1 
_pdbx_nmr_ensemble.conformer_selection_criteria         ? 
# 
_pdbx_nmr_representative.entry_id             1XWP 
_pdbx_nmr_representative.conformer_id         ? 
_pdbx_nmr_representative.selection_criteria   'minimized average structure' 
# 
loop_
_pdbx_nmr_sample_details.solution_id 
_pdbx_nmr_sample_details.contents 
_pdbx_nmr_sample_details.solvent_system 
1 '0.5mM RNA; 10mM phosphate buffer NA; 95% H2O, 5% D2O' '95% H2O/5% D2O' 
2 '0.5mM RNA; 10mM phosphate buffer NA; 100% D2O'        '100% D2O'       
# 
_pdbx_nmr_exptl_sample_conditions.conditions_id       1 
_pdbx_nmr_exptl_sample_conditions.temperature         283 
_pdbx_nmr_exptl_sample_conditions.pressure            ambient 
_pdbx_nmr_exptl_sample_conditions.pH                  6.5 
_pdbx_nmr_exptl_sample_conditions.ionic_strength      10mM 
_pdbx_nmr_exptl_sample_conditions.pressure_units      ? 
_pdbx_nmr_exptl_sample_conditions.temperature_units   K 
# 
loop_
_pdbx_nmr_exptl.experiment_id 
_pdbx_nmr_exptl.solution_id 
_pdbx_nmr_exptl.conditions_id 
_pdbx_nmr_exptl.type 
1 1 1 '2D NOESY' 
2 2 1 '2D NOESY' 
3 2 1 '2D TOCSY' 
4 2 1 DQF-COSY   
5 2 1 HP-COSY    
# 
_pdbx_nmr_details.entry_id   1XWP 
_pdbx_nmr_details.text       'This structure was determined using standard 2D homonuclear techniques.' 
# 
_pdbx_nmr_refine.entry_id           1XWP 
_pdbx_nmr_refine.method             'simulated annealing' 
_pdbx_nmr_refine.details            
;The structure is based on a total of 215 restraints, 155 are NOE-derived distance constraints, 45 dihedral angle restraints, 11 distance restraints from hydrogen bonds, 4 base planarity restraints.
;
_pdbx_nmr_refine.software_ordinal   1 
# 
loop_
_pdbx_nmr_software.name 
_pdbx_nmr_software.version 
_pdbx_nmr_software.classification 
_pdbx_nmr_software.authors 
_pdbx_nmr_software.ordinal 
XwinNMR  2.6  collection           ? 1 
XwinNMR  2.6  processing           ? 2 
Felix    97.0 'data analysis'      ? 3 
Discover 97.0 'structure solution' ? 4 
Discover 97.0 refinement           ? 5 
# 
loop_
_chem_comp_atom.comp_id 
_chem_comp_atom.atom_id 
_chem_comp_atom.type_symbol 
_chem_comp_atom.pdbx_aromatic_flag 
_chem_comp_atom.pdbx_stereo_config 
_chem_comp_atom.pdbx_ordinal 
A OP3    O N N 1   
A P      P N N 2   
A OP1    O N N 3   
A OP2    O N N 4   
A "O5'"  O N N 5   
A "C5'"  C N N 6   
A "C4'"  C N R 7   
A "O4'"  O N N 8   
A "C3'"  C N S 9   
A "O3'"  O N N 10  
A "C2'"  C N R 11  
A "O2'"  O N N 12  
A "C1'"  C N R 13  
A N9     N Y N 14  
A C8     C Y N 15  
A N7     N Y N 16  
A C5     C Y N 17  
A C6     C Y N 18  
A N6     N N N 19  
A N1     N Y N 20  
A C2     C Y N 21  
A N3     N Y N 22  
A C4     C Y N 23  
A HOP3   H N N 24  
A HOP2   H N N 25  
A "H5'"  H N N 26  
A "H5''" H N N 27  
A "H4'"  H N N 28  
A "H3'"  H N N 29  
A "HO3'" H N N 30  
A "H2'"  H N N 31  
A "HO2'" H N N 32  
A "H1'"  H N N 33  
A H8     H N N 34  
A H61    H N N 35  
A H62    H N N 36  
A H2     H N N 37  
C OP3    O N N 38  
C P      P N N 39  
C OP1    O N N 40  
C OP2    O N N 41  
C "O5'"  O N N 42  
C "C5'"  C N N 43  
C "C4'"  C N R 44  
C "O4'"  O N N 45  
C "C3'"  C N S 46  
C "O3'"  O N N 47  
C "C2'"  C N R 48  
C "O2'"  O N N 49  
C "C1'"  C N R 50  
C N1     N N N 51  
C C2     C N N 52  
C O2     O N N 53  
C N3     N N N 54  
C C4     C N N 55  
C N4     N N N 56  
C C5     C N N 57  
C C6     C N N 58  
C HOP3   H N N 59  
C HOP2   H N N 60  
C "H5'"  H N N 61  
C "H5''" H N N 62  
C "H4'"  H N N 63  
C "H3'"  H N N 64  
C "HO3'" H N N 65  
C "H2'"  H N N 66  
C "HO2'" H N N 67  
C "H1'"  H N N 68  
C H41    H N N 69  
C H42    H N N 70  
C H5     H N N 71  
C H6     H N N 72  
G OP3    O N N 73  
G P      P N N 74  
G OP1    O N N 75  
G OP2    O N N 76  
G "O5'"  O N N 77  
G "C5'"  C N N 78  
G "C4'"  C N R 79  
G "O4'"  O N N 80  
G "C3'"  C N S 81  
G "O3'"  O N N 82  
G "C2'"  C N R 83  
G "O2'"  O N N 84  
G "C1'"  C N R 85  
G N9     N Y N 86  
G C8     C Y N 87  
G N7     N Y N 88  
G C5     C Y N 89  
G C6     C N N 90  
G O6     O N N 91  
G N1     N N N 92  
G C2     C N N 93  
G N2     N N N 94  
G N3     N N N 95  
G C4     C Y N 96  
G HOP3   H N N 97  
G HOP2   H N N 98  
G "H5'"  H N N 99  
G "H5''" H N N 100 
G "H4'"  H N N 101 
G "H3'"  H N N 102 
G "HO3'" H N N 103 
G "H2'"  H N N 104 
G "HO2'" H N N 105 
G "H1'"  H N N 106 
G H8     H N N 107 
G H1     H N N 108 
G H21    H N N 109 
G H22    H N N 110 
U OP3    O N N 111 
U P      P N N 112 
U OP1    O N N 113 
U OP2    O N N 114 
U "O5'"  O N N 115 
U "C5'"  C N N 116 
U "C4'"  C N R 117 
U "O4'"  O N N 118 
U "C3'"  C N S 119 
U "O3'"  O N N 120 
U "C2'"  C N R 121 
U "O2'"  O N N 122 
U "C1'"  C N R 123 
U N1     N N N 124 
U C2     C N N 125 
U O2     O N N 126 
U N3     N N N 127 
U C4     C N N 128 
U O4     O N N 129 
U C5     C N N 130 
U C6     C N N 131 
U HOP3   H N N 132 
U HOP2   H N N 133 
U "H5'"  H N N 134 
U "H5''" H N N 135 
U "H4'"  H N N 136 
U "H3'"  H N N 137 
U "HO3'" H N N 138 
U "H2'"  H N N 139 
U "HO2'" H N N 140 
U "H1'"  H N N 141 
U H3     H N N 142 
U H5     H N N 143 
U H6     H N N 144 
# 
loop_
_chem_comp_bond.comp_id 
_chem_comp_bond.atom_id_1 
_chem_comp_bond.atom_id_2 
_chem_comp_bond.value_order 
_chem_comp_bond.pdbx_aromatic_flag 
_chem_comp_bond.pdbx_stereo_config 
_chem_comp_bond.pdbx_ordinal 
A OP3   P      sing N N 1   
A OP3   HOP3   sing N N 2   
A P     OP1    doub N N 3   
A P     OP2    sing N N 4   
A P     "O5'"  sing N N 5   
A OP2   HOP2   sing N N 6   
A "O5'" "C5'"  sing N N 7   
A "C5'" "C4'"  sing N N 8   
A "C5'" "H5'"  sing N N 9   
A "C5'" "H5''" sing N N 10  
A "C4'" "O4'"  sing N N 11  
A "C4'" "C3'"  sing N N 12  
A "C4'" "H4'"  sing N N 13  
A "O4'" "C1'"  sing N N 14  
A "C3'" "O3'"  sing N N 15  
A "C3'" "C2'"  sing N N 16  
A "C3'" "H3'"  sing N N 17  
A "O3'" "HO3'" sing N N 18  
A "C2'" "O2'"  sing N N 19  
A "C2'" "C1'"  sing N N 20  
A "C2'" "H2'"  sing N N 21  
A "O2'" "HO2'" sing N N 22  
A "C1'" N9     sing N N 23  
A "C1'" "H1'"  sing N N 24  
A N9    C8     sing Y N 25  
A N9    C4     sing Y N 26  
A C8    N7     doub Y N 27  
A C8    H8     sing N N 28  
A N7    C5     sing Y N 29  
A C5    C6     sing Y N 30  
A C5    C4     doub Y N 31  
A C6    N6     sing N N 32  
A C6    N1     doub Y N 33  
A N6    H61    sing N N 34  
A N6    H62    sing N N 35  
A N1    C2     sing Y N 36  
A C2    N3     doub Y N 37  
A C2    H2     sing N N 38  
A N3    C4     sing Y N 39  
C OP3   P      sing N N 40  
C OP3   HOP3   sing N N 41  
C P     OP1    doub N N 42  
C P     OP2    sing N N 43  
C P     "O5'"  sing N N 44  
C OP2   HOP2   sing N N 45  
C "O5'" "C5'"  sing N N 46  
C "C5'" "C4'"  sing N N 47  
C "C5'" "H5'"  sing N N 48  
C "C5'" "H5''" sing N N 49  
C "C4'" "O4'"  sing N N 50  
C "C4'" "C3'"  sing N N 51  
C "C4'" "H4'"  sing N N 52  
C "O4'" "C1'"  sing N N 53  
C "C3'" "O3'"  sing N N 54  
C "C3'" "C2'"  sing N N 55  
C "C3'" "H3'"  sing N N 56  
C "O3'" "HO3'" sing N N 57  
C "C2'" "O2'"  sing N N 58  
C "C2'" "C1'"  sing N N 59  
C "C2'" "H2'"  sing N N 60  
C "O2'" "HO2'" sing N N 61  
C "C1'" N1     sing N N 62  
C "C1'" "H1'"  sing N N 63  
C N1    C2     sing N N 64  
C N1    C6     sing N N 65  
C C2    O2     doub N N 66  
C C2    N3     sing N N 67  
C N3    C4     doub N N 68  
C C4    N4     sing N N 69  
C C4    C5     sing N N 70  
C N4    H41    sing N N 71  
C N4    H42    sing N N 72  
C C5    C6     doub N N 73  
C C5    H5     sing N N 74  
C C6    H6     sing N N 75  
G OP3   P      sing N N 76  
G OP3   HOP3   sing N N 77  
G P     OP1    doub N N 78  
G P     OP2    sing N N 79  
G P     "O5'"  sing N N 80  
G OP2   HOP2   sing N N 81  
G "O5'" "C5'"  sing N N 82  
G "C5'" "C4'"  sing N N 83  
G "C5'" "H5'"  sing N N 84  
G "C5'" "H5''" sing N N 85  
G "C4'" "O4'"  sing N N 86  
G "C4'" "C3'"  sing N N 87  
G "C4'" "H4'"  sing N N 88  
G "O4'" "C1'"  sing N N 89  
G "C3'" "O3'"  sing N N 90  
G "C3'" "C2'"  sing N N 91  
G "C3'" "H3'"  sing N N 92  
G "O3'" "HO3'" sing N N 93  
G "C2'" "O2'"  sing N N 94  
G "C2'" "C1'"  sing N N 95  
G "C2'" "H2'"  sing N N 96  
G "O2'" "HO2'" sing N N 97  
G "C1'" N9     sing N N 98  
G "C1'" "H1'"  sing N N 99  
G N9    C8     sing Y N 100 
G N9    C4     sing Y N 101 
G C8    N7     doub Y N 102 
G C8    H8     sing N N 103 
G N7    C5     sing Y N 104 
G C5    C6     sing N N 105 
G C5    C4     doub Y N 106 
G C6    O6     doub N N 107 
G C6    N1     sing N N 108 
G N1    C2     sing N N 109 
G N1    H1     sing N N 110 
G C2    N2     sing N N 111 
G C2    N3     doub N N 112 
G N2    H21    sing N N 113 
G N2    H22    sing N N 114 
G N3    C4     sing N N 115 
U OP3   P      sing N N 116 
U OP3   HOP3   sing N N 117 
U P     OP1    doub N N 118 
U P     OP2    sing N N 119 
U P     "O5'"  sing N N 120 
U OP2   HOP2   sing N N 121 
U "O5'" "C5'"  sing N N 122 
U "C5'" "C4'"  sing N N 123 
U "C5'" "H5'"  sing N N 124 
U "C5'" "H5''" sing N N 125 
U "C4'" "O4'"  sing N N 126 
U "C4'" "C3'"  sing N N 127 
U "C4'" "H4'"  sing N N 128 
U "O4'" "C1'"  sing N N 129 
U "C3'" "O3'"  sing N N 130 
U "C3'" "C2'"  sing N N 131 
U "C3'" "H3'"  sing N N 132 
U "O3'" "HO3'" sing N N 133 
U "C2'" "O2'"  sing N N 134 
U "C2'" "C1'"  sing N N 135 
U "C2'" "H2'"  sing N N 136 
U "O2'" "HO2'" sing N N 137 
U "C1'" N1     sing N N 138 
U "C1'" "H1'"  sing N N 139 
U N1    C2     sing N N 140 
U N1    C6     sing N N 141 
U C2    O2     doub N N 142 
U C2    N3     sing N N 143 
U N3    C4     sing N N 144 
U N3    H3     sing N N 145 
U C4    O4     doub N N 146 
U C4    C5     sing N N 147 
U C5    C6     doub N N 148 
U C5    H5     sing N N 149 
U C6    H6     sing N N 150 
# 
loop_
_ndb_struct_conf_na.entry_id 
_ndb_struct_conf_na.feature 
1XWP 'double helix'         
1XWP 'a-form double helix'  
1XWP 'hairpin loop'         
1XWP 'mismatched base pair' 
# 
loop_
_ndb_struct_na_base_pair.model_number 
_ndb_struct_na_base_pair.i_label_asym_id 
_ndb_struct_na_base_pair.i_label_comp_id 
_ndb_struct_na_base_pair.i_label_seq_id 
_ndb_struct_na_base_pair.i_symmetry 
_ndb_struct_na_base_pair.j_label_asym_id 
_ndb_struct_na_base_pair.j_label_comp_id 
_ndb_struct_na_base_pair.j_label_seq_id 
_ndb_struct_na_base_pair.j_symmetry 
_ndb_struct_na_base_pair.shear 
_ndb_struct_na_base_pair.stretch 
_ndb_struct_na_base_pair.stagger 
_ndb_struct_na_base_pair.buckle 
_ndb_struct_na_base_pair.propeller 
_ndb_struct_na_base_pair.opening 
_ndb_struct_na_base_pair.pair_number 
_ndb_struct_na_base_pair.pair_name 
_ndb_struct_na_base_pair.i_auth_asym_id 
_ndb_struct_na_base_pair.i_auth_seq_id 
_ndb_struct_na_base_pair.i_PDB_ins_code 
_ndb_struct_na_base_pair.j_auth_asym_id 
_ndb_struct_na_base_pair.j_auth_seq_id 
_ndb_struct_na_base_pair.j_PDB_ins_code 
_ndb_struct_na_base_pair.hbond_type_28 
_ndb_struct_na_base_pair.hbond_type_12 
1 A G 1 1_555 A C 14 1_555 -0.939 -0.255 -0.357 -14.899 -12.333 -1.020  1 A_G1:C14_A A 1 ? A 14 ? 19 1  
1 A G 2 1_555 A C 13 1_555 -0.714 -0.168 0.219  3.902   -4.187  -2.190  2 A_G2:C13_A A 2 ? A 13 ? 19 1  
1 A A 3 1_555 A U 12 1_555 -0.519 -0.128 -0.022 13.365  -15.210 2.360   3 A_A3:U12_A A 3 ? A 12 ? 20 1  
1 A G 4 1_555 A C 11 1_555 0.248  -0.125 -0.980 -16.000 -19.804 1.685   4 A_G4:C11_A A 4 ? A 11 ? 19 1  
1 A A 5 1_555 A A 10 1_555 6.541  -4.325 0.175  -14.631 -4.890  -15.880 5 A_A5:A10_A A 5 ? A 10 ? ?  10 
# 
loop_
_ndb_struct_na_base_pair_step.model_number 
_ndb_struct_na_base_pair_step.i_label_asym_id_1 
_ndb_struct_na_base_pair_step.i_label_comp_id_1 
_ndb_struct_na_base_pair_step.i_label_seq_id_1 
_ndb_struct_na_base_pair_step.i_symmetry_1 
_ndb_struct_na_base_pair_step.j_label_asym_id_1 
_ndb_struct_na_base_pair_step.j_label_comp_id_1 
_ndb_struct_na_base_pair_step.j_label_seq_id_1 
_ndb_struct_na_base_pair_step.j_symmetry_1 
_ndb_struct_na_base_pair_step.i_label_asym_id_2 
_ndb_struct_na_base_pair_step.i_label_comp_id_2 
_ndb_struct_na_base_pair_step.i_label_seq_id_2 
_ndb_struct_na_base_pair_step.i_symmetry_2 
_ndb_struct_na_base_pair_step.j_label_asym_id_2 
_ndb_struct_na_base_pair_step.j_label_comp_id_2 
_ndb_struct_na_base_pair_step.j_label_seq_id_2 
_ndb_struct_na_base_pair_step.j_symmetry_2 
_ndb_struct_na_base_pair_step.shift 
_ndb_struct_na_base_pair_step.slide 
_ndb_struct_na_base_pair_step.rise 
_ndb_struct_na_base_pair_step.tilt 
_ndb_struct_na_base_pair_step.roll 
_ndb_struct_na_base_pair_step.twist 
_ndb_struct_na_base_pair_step.x_displacement 
_ndb_struct_na_base_pair_step.y_displacement 
_ndb_struct_na_base_pair_step.helical_rise 
_ndb_struct_na_base_pair_step.inclination 
_ndb_struct_na_base_pair_step.tip 
_ndb_struct_na_base_pair_step.helical_twist 
_ndb_struct_na_base_pair_step.step_number 
_ndb_struct_na_base_pair_step.step_name 
_ndb_struct_na_base_pair_step.i_auth_asym_id_1 
_ndb_struct_na_base_pair_step.i_auth_seq_id_1 
_ndb_struct_na_base_pair_step.i_PDB_ins_code_1 
_ndb_struct_na_base_pair_step.j_auth_asym_id_1 
_ndb_struct_na_base_pair_step.j_auth_seq_id_1 
_ndb_struct_na_base_pair_step.j_PDB_ins_code_1 
_ndb_struct_na_base_pair_step.i_auth_asym_id_2 
_ndb_struct_na_base_pair_step.i_auth_seq_id_2 
_ndb_struct_na_base_pair_step.i_PDB_ins_code_2 
_ndb_struct_na_base_pair_step.j_auth_asym_id_2 
_ndb_struct_na_base_pair_step.j_auth_seq_id_2 
_ndb_struct_na_base_pair_step.j_PDB_ins_code_2 
1 A G 1 1_555 A C 14 1_555 A G 2 1_555 A C 13 1_555 0.273  -1.506 2.674 -4.712 3.547  26.045 -3.983 -1.550 2.366 7.744  10.288 
26.693 1 AA_G1G2:C13C14_AA A 1 ? A 14 ? A 2 ? A 13 ? 
1 A G 2 1_555 A C 13 1_555 A A 3 1_555 A U 12 1_555 0.188  -1.856 2.890 -1.522 7.352  29.941 -4.657 -0.595 2.366 13.956 2.889  
30.847 2 AA_G2A3:U12C13_AA A 2 ? A 13 ? A 3 ? A 12 ? 
1 A A 3 1_555 A U 12 1_555 A G 4 1_555 A C 11 1_555 -1.143 -2.311 3.775 -1.687 21.625 31.320 -6.203 1.551  1.900 35.258 2.750  
37.943 3 AA_A3G4:C11U12_AA A 3 ? A 12 ? A 4 ? A 11 ? 
1 A G 4 1_555 A C 11 1_555 A A 5 1_555 A A 10 1_555 -1.102 -1.015 3.221 -2.318 13.011 66.626 -1.390 0.903  3.034 11.726 2.089  
67.776 4 AA_G4A5:A10C11_AA A 4 ? A 11 ? A 5 ? A 10 ? 
# 
loop_
_pdbx_nmr_spectrometer.spectrometer_id 
_pdbx_nmr_spectrometer.type 
_pdbx_nmr_spectrometer.manufacturer 
_pdbx_nmr_spectrometer.model 
_pdbx_nmr_spectrometer.field_strength 
1 ? Bruker DRX 500 
2 ? Bruker DRX 600 
# 
_atom_sites.entry_id                    1XWP 
_atom_sites.fract_transf_matrix[1][1]   1.000000 
_atom_sites.fract_transf_matrix[1][2]   0.000000 
_atom_sites.fract_transf_matrix[1][3]   0.000000 
_atom_sites.fract_transf_matrix[2][1]   0.000000 
_atom_sites.fract_transf_matrix[2][2]   1.000000 
_atom_sites.fract_transf_matrix[2][3]   0.000000 
_atom_sites.fract_transf_matrix[3][1]   0.000000 
_atom_sites.fract_transf_matrix[3][2]   0.000000 
_atom_sites.fract_transf_matrix[3][3]   1.000000 
_atom_sites.fract_transf_vector[1]      0.00000 
_atom_sites.fract_transf_vector[2]      0.00000 
_atom_sites.fract_transf_vector[3]      0.00000 
# 
loop_
_atom_type.symbol 
C 
H 
N 
O 
P 
# 
loop_
_atom_site.group_PDB 
_atom_site.id 
_atom_site.type_symbol 
_atom_site.label_atom_id 
_atom_site.label_alt_id 
_atom_site.label_comp_id 
_atom_site.label_asym_id 
_atom_site.label_entity_id 
_atom_site.label_seq_id 
_atom_site.pdbx_PDB_ins_code 
_atom_site.Cartn_x 
_atom_site.Cartn_y 
_atom_site.Cartn_z 
_atom_site.occupancy 
_atom_site.B_iso_or_equiv 
_atom_site.pdbx_formal_charge 
_atom_site.auth_seq_id 
_atom_site.auth_comp_id 
_atom_site.auth_asym_id 
_atom_site.auth_atom_id 
_atom_site.pdbx_PDB_model_num 
ATOM 1   O "O5'"  . G A 1 1  ? -4.792  8.994   11.879  1.00 0.00 ? 1  G A "O5'"  1 
ATOM 2   C "C5'"  . G A 1 1  ? -5.229  8.495   10.632  1.00 0.00 ? 1  G A "C5'"  1 
ATOM 3   C "C4'"  . G A 1 1  ? -4.326  9.009   9.503   1.00 0.00 ? 1  G A "C4'"  1 
ATOM 4   O "O4'"  . G A 1 1  ? -3.014  8.486   9.609   1.00 0.00 ? 1  G A "O4'"  1 
ATOM 5   C "C3'"  . G A 1 1  ? -4.798  8.551   8.122   1.00 0.00 ? 1  G A "C3'"  1 
ATOM 6   O "O3'"  . G A 1 1  ? -5.924  9.305   7.693   1.00 0.00 ? 1  G A "O3'"  1 
ATOM 7   C "C2'"  . G A 1 1  ? -3.522  8.772   7.300   1.00 0.00 ? 1  G A "C2'"  1 
ATOM 8   O "O2'"  . G A 1 1  ? -3.460  10.088  6.778   1.00 0.00 ? 1  G A "O2'"  1 
ATOM 9   C "C1'"  . G A 1 1  ? -2.399  8.578   8.334   1.00 0.00 ? 1  G A "C1'"  1 
ATOM 10  N N9     . G A 1 1  ? -1.595  7.364   8.055   1.00 0.00 ? 1  G A N9     1 
ATOM 11  C C8     . G A 1 1  ? -1.755  6.083   8.527   1.00 0.00 ? 1  G A C8     1 
ATOM 12  N N7     . G A 1 1  ? -0.838  5.245   8.130   1.00 0.00 ? 1  G A N7     1 
ATOM 13  C C5     . G A 1 1  ? -0.009  6.016   7.322   1.00 0.00 ? 1  G A C5     1 
ATOM 14  C C6     . G A 1 1  ? 1.190   5.668   6.616   1.00 0.00 ? 1  G A C6     1 
ATOM 15  O O6     . G A 1 1  ? 1.756   4.579   6.586   1.00 0.00 ? 1  G A O6     1 
ATOM 16  N N1     . G A 1 1  ? 1.735   6.738   5.896   1.00 0.00 ? 1  G A N1     1 
ATOM 17  C C2     . G A 1 1  ? 1.178   8.008   5.861   1.00 0.00 ? 1  G A C2     1 
ATOM 18  N N2     . G A 1 1  ? 1.787   8.922   5.103   1.00 0.00 ? 1  G A N2     1 
ATOM 19  N N3     . G A 1 1  ? 0.062   8.341   6.536   1.00 0.00 ? 1  G A N3     1 
ATOM 20  C C4     . G A 1 1  ? -0.482  7.309   7.250   1.00 0.00 ? 1  G A C4     1 
ATOM 21  H "H5'"  . G A 1 1  ? -6.253  8.834   10.464  1.00 0.00 ? 1  G A "H5'"  1 
ATOM 22  H "H5''" . G A 1 1  ? -5.217  7.405   10.659  1.00 0.00 ? 1  G A "H5''" 1 
ATOM 23  H "H4'"  . G A 1 1  ? -4.279  10.100  9.533   1.00 0.00 ? 1  G A "H4'"  1 
ATOM 24  H "H3'"  . G A 1 1  ? -5.029  7.484   8.162   1.00 0.00 ? 1  G A "H3'"  1 
ATOM 25  H "H2'"  . G A 1 1  ? -3.464  8.050   6.486   1.00 0.00 ? 1  G A "H2'"  1 
ATOM 26  H "HO2'" . G A 1 1  ? -4.164  10.187  6.131   1.00 0.00 ? 1  G A "HO2'" 1 
ATOM 27  H "H1'"  . G A 1 1  ? -1.734  9.445   8.340   1.00 0.00 ? 1  G A "H1'"  1 
ATOM 28  H H8     . G A 1 1  ? -2.563  5.793   9.184   1.00 0.00 ? 1  G A H8     1 
ATOM 29  H H1     . G A 1 1  ? 2.578   6.551   5.369   1.00 0.00 ? 1  G A H1     1 
ATOM 30  H H21    . G A 1 1  ? 2.615   8.677   4.579   1.00 0.00 ? 1  G A H21    1 
ATOM 31  H H22    . G A 1 1  ? 1.402   9.853   5.048   1.00 0.00 ? 1  G A H22    1 
ATOM 32  H "HO5'" . G A 1 1  ? -5.376  8.661   12.563  1.00 0.00 ? 1  G A "HO5'" 1 
ATOM 33  P P      . G A 1 2  ? -6.737  8.990   6.331   1.00 0.00 ? 2  G A P      1 
ATOM 34  O OP1    . G A 1 2  ? -7.847  9.963   6.236   1.00 0.00 ? 2  G A OP1    1 
ATOM 35  O OP2    . G A 1 2  ? -7.034  7.539   6.305   1.00 0.00 ? 2  G A OP2    1 
ATOM 36  O "O5'"  . G A 1 2  ? -5.676  9.332   5.155   1.00 0.00 ? 2  G A "O5'"  1 
ATOM 37  C "C5'"  . G A 1 2  ? -5.255  8.368   4.202   1.00 0.00 ? 2  G A "C5'"  1 
ATOM 38  C "C4'"  . G A 1 2  ? -4.073  8.917   3.387   1.00 0.00 ? 2  G A "C4'"  1 
ATOM 39  O "O4'"  . G A 1 2  ? -2.858  8.861   4.126   1.00 0.00 ? 2  G A "O4'"  1 
ATOM 40  C "C3'"  . G A 1 2  ? -3.814  8.116   2.108   1.00 0.00 ? 2  G A "C3'"  1 
ATOM 41  O "O3'"  . G A 1 2  ? -4.695  8.489   1.055   1.00 0.00 ? 2  G A "O3'"  1 
ATOM 42  C "C2'"  . G A 1 2  ? -2.357  8.498   1.847   1.00 0.00 ? 2  G A "C2'"  1 
ATOM 43  O "O2'"  . G A 1 2  ? -2.251  9.810   1.324   1.00 0.00 ? 2  G A "O2'"  1 
ATOM 44  C "C1'"  . G A 1 2  ? -1.792  8.465   3.272   1.00 0.00 ? 2  G A "C1'"  1 
ATOM 45  N N9     . G A 1 2  ? -1.317  7.093   3.606   1.00 0.00 ? 2  G A N9     1 
ATOM 46  C C8     . G A 1 2  ? -1.913  6.123   4.376   1.00 0.00 ? 2  G A C8     1 
ATOM 47  N N7     . G A 1 2  ? -1.229  5.017   4.472   1.00 0.00 ? 2  G A N7     1 
ATOM 48  C C5     . G A 1 2  ? -0.092  5.258   3.710   1.00 0.00 ? 2  G A C5     1 
ATOM 49  C C6     . G A 1 2  ? 1.056   4.432   3.461   1.00 0.00 ? 2  G A C6     1 
ATOM 50  O O6     . G A 1 2  ? 1.277   3.304   3.890   1.00 0.00 ? 2  G A O6     1 
ATOM 51  N N1     . G A 1 2  ? 2.000   5.036   2.625   1.00 0.00 ? 2  G A N1     1 
ATOM 52  C C2     . G A 1 2  ? 1.852   6.307   2.090   1.00 0.00 ? 2  G A C2     1 
ATOM 53  N N2     . G A 1 2  ? 2.811   6.734   1.265   1.00 0.00 ? 2  G A N2     1 
ATOM 54  N N3     . G A 1 2  ? 0.789   7.097   2.343   1.00 0.00 ? 2  G A N3     1 
ATOM 55  C C4     . G A 1 2  ? -0.146  6.522   3.160   1.00 0.00 ? 2  G A C4     1 
ATOM 56  H "H5'"  . G A 1 2  ? -6.090  8.166   3.529   1.00 0.00 ? 2  G A "H5'"  1 
ATOM 57  H "H5''" . G A 1 2  ? -4.959  7.433   4.680   1.00 0.00 ? 2  G A "H5''" 1 
ATOM 58  H "H4'"  . G A 1 2  ? -4.264  9.958   3.118   1.00 0.00 ? 2  G A "H4'"  1 
ATOM 59  H "H3'"  . G A 1 2  ? -3.886  7.050   2.342   1.00 0.00 ? 2  G A "H3'"  1 
ATOM 60  H "H2'"  . G A 1 2  ? -1.861  7.801   1.174   1.00 0.00 ? 2  G A "H2'"  1 
ATOM 61  H "HO2'" . G A 1 2  ? -2.840  9.882   0.569   1.00 0.00 ? 2  G A "HO2'" 1 
ATOM 62  H "H1'"  . G A 1 2  ? -0.960  9.161   3.396   1.00 0.00 ? 2  G A "H1'"  1 
ATOM 63  H H8     . G A 1 2  ? -2.863  6.255   4.870   1.00 0.00 ? 2  G A H8     1 
ATOM 64  H H1     . G A 1 2  ? 2.830   4.498   2.410   1.00 0.00 ? 2  G A H1     1 
ATOM 65  H H21    . G A 1 2  ? 3.602   6.142   1.059   1.00 0.00 ? 2  G A H21    1 
ATOM 66  H H22    . G A 1 2  ? 2.734   7.651   0.851   1.00 0.00 ? 2  G A H22    1 
ATOM 67  P P      . A A 1 3  ? -5.027  7.505   -0.185  1.00 0.00 ? 3  A A P      1 
ATOM 68  O OP1    . A A 1 3  ? -5.952  8.218   -1.094  1.00 0.00 ? 3  A A OP1    1 
ATOM 69  O OP2    . A A 1 3  ? -5.421  6.192   0.372   1.00 0.00 ? 3  A A OP2    1 
ATOM 70  O "O5'"  . A A 1 3  ? -3.614  7.316   -0.943  1.00 0.00 ? 3  A A "O5'"  1 
ATOM 71  C "C5'"  . A A 1 3  ? -3.087  8.287   -1.830  1.00 0.00 ? 3  A A "C5'"  1 
ATOM 72  C "C4'"  . A A 1 3  ? -1.691  7.862   -2.309  1.00 0.00 ? 3  A A "C4'"  1 
ATOM 73  O "O4'"  . A A 1 3  ? -0.794  7.683   -1.221  1.00 0.00 ? 3  A A "O4'"  1 
ATOM 74  C "C3'"  . A A 1 3  ? -1.671  6.537   -3.078  1.00 0.00 ? 3  A A "C3'"  1 
ATOM 75  O "O3'"  . A A 1 3  ? -2.156  6.661   -4.407  1.00 0.00 ? 3  A A "O3'"  1 
ATOM 76  C "C2'"  . A A 1 3  ? -0.181  6.206   -2.984  1.00 0.00 ? 3  A A "C2'"  1 
ATOM 77  O "O2'"  . A A 1 3  ? 0.590   6.985   -3.882  1.00 0.00 ? 3  A A "O2'"  1 
ATOM 78  C "C1'"  . A A 1 3  ? 0.116   6.636   -1.538  1.00 0.00 ? 3  A A "C1'"  1 
ATOM 79  N N9     . A A 1 3  ? -0.046  5.470   -0.629  1.00 0.00 ? 3  A A N9     1 
ATOM 80  C C8     . A A 1 3  ? -1.111  5.096   0.158   1.00 0.00 ? 3  A A C8     1 
ATOM 81  N N7     . A A 1 3  ? -0.948  3.965   0.788   1.00 0.00 ? 3  A A N7     1 
ATOM 82  C C5     . A A 1 3  ? 0.312   3.540   0.383   1.00 0.00 ? 3  A A C5     1 
ATOM 83  C C6     . A A 1 3  ? 1.104   2.395   0.670   1.00 0.00 ? 3  A A C6     1 
ATOM 84  N N6     . A A 1 3  ? 0.717   1.417   1.498   1.00 0.00 ? 3  A A N6     1 
ATOM 85  N N1     . A A 1 3  ? 2.313   2.275   0.073   1.00 0.00 ? 3  A A N1     1 
ATOM 86  C C2     . A A 1 3  ? 2.729   3.234   -0.759  1.00 0.00 ? 3  A A C2     1 
ATOM 87  N N3     . A A 1 3  ? 2.090   4.357   -1.097  1.00 0.00 ? 3  A A N3     1 
ATOM 88  C C4     . A A 1 3  ? 0.869   4.453   -0.486  1.00 0.00 ? 3  A A C4     1 
ATOM 89  H "H5'"  . A A 1 3  ? -3.009  9.255   -1.335  1.00 0.00 ? 3  A A "H5'"  1 
ATOM 90  H "H5''" . A A 1 3  ? -3.740  8.391   -2.699  1.00 0.00 ? 3  A A "H5''" 1 
ATOM 91  H "H4'"  . A A 1 3  ? -1.289  8.649   -2.950  1.00 0.00 ? 3  A A "H4'"  1 
ATOM 92  H "H3'"  . A A 1 3  ? -2.245  5.794   -2.517  1.00 0.00 ? 3  A A "H3'"  1 
ATOM 93  H "H2'"  . A A 1 3  ? 0.017   5.149   -3.170  1.00 0.00 ? 3  A A "H2'"  1 
ATOM 94  H "HO2'" . A A 1 3  ? 1.512   6.731   -3.792  1.00 0.00 ? 3  A A "HO2'" 1 
ATOM 95  H "H1'"  . A A 1 3  ? 1.138   7.011   -1.443  1.00 0.00 ? 3  A A "H1'"  1 
ATOM 96  H H8     . A A 1 3  ? -2.014  5.677   0.254   1.00 0.00 ? 3  A A H8     1 
ATOM 97  H H61    . A A 1 3  ? 1.318   0.618   1.662   1.00 0.00 ? 3  A A H61    1 
ATOM 98  H H62    . A A 1 3  ? -0.180  1.478   1.957   1.00 0.00 ? 3  A A H62    1 
ATOM 99  H H2     . A A 1 3  ? 3.699   3.087   -1.209  1.00 0.00 ? 3  A A H2     1 
ATOM 100 P P      . G A 1 4  ? -2.550  5.372   -5.305  1.00 0.00 ? 4  G A P      1 
ATOM 101 O OP1    . G A 1 4  ? -3.092  5.868   -6.589  1.00 0.00 ? 4  G A OP1    1 
ATOM 102 O OP2    . G A 1 4  ? -3.373  4.470   -4.468  1.00 0.00 ? 4  G A OP2    1 
ATOM 103 O "O5'"  . G A 1 4  ? -1.149  4.623   -5.603  1.00 0.00 ? 4  G A "O5'"  1 
ATOM 104 C "C5'"  . G A 1 4  ? -0.229  5.083   -6.581  1.00 0.00 ? 4  G A "C5'"  1 
ATOM 105 C "C4'"  . G A 1 4  ? 0.970   4.126   -6.672  1.00 0.00 ? 4  G A "C4'"  1 
ATOM 106 O "O4'"  . G A 1 4  ? 1.665   4.026   -5.436  1.00 0.00 ? 4  G A "O4'"  1 
ATOM 107 C "C3'"  . G A 1 4  ? 0.576   2.697   -7.058  1.00 0.00 ? 4  G A "C3'"  1 
ATOM 108 O "O3'"  . G A 1 4  ? 0.392   2.541   -8.459  1.00 0.00 ? 4  G A "O3'"  1 
ATOM 109 C "C2'"  . G A 1 4  ? 1.788   1.923   -6.543  1.00 0.00 ? 4  G A "C2'"  1 
ATOM 110 O "O2'"  . G A 1 4  ? 2.892   2.011   -7.430  1.00 0.00 ? 4  G A "O2'"  1 
ATOM 111 C "C1'"  . G A 1 4  ? 2.103   2.685   -5.247  1.00 0.00 ? 4  G A "C1'"  1 
ATOM 112 N N9     . G A 1 4  ? 1.419   2.059   -4.084  1.00 0.00 ? 4  G A N9     1 
ATOM 113 C C8     . G A 1 4  ? 0.423   2.556   -3.277  1.00 0.00 ? 4  G A C8     1 
ATOM 114 N N7     . G A 1 4  ? 0.085   1.770   -2.294  1.00 0.00 ? 4  G A N7     1 
ATOM 115 C C5     . G A 1 4  ? 0.899   0.656   -2.462  1.00 0.00 ? 4  G A C5     1 
ATOM 116 C C6     . G A 1 4  ? 0.983   -0.559  -1.706  1.00 0.00 ? 4  G A C6     1 
ATOM 117 O O6     . G A 1 4  ? 0.410   -0.837  -0.657  1.00 0.00 ? 4  G A O6     1 
ATOM 118 N N1     . G A 1 4  ? 1.827   -1.510  -2.289  1.00 0.00 ? 4  G A N1     1 
ATOM 119 C C2     . G A 1 4  ? 2.580   -1.282  -3.430  1.00 0.00 ? 4  G A C2     1 
ATOM 120 N N2     . G A 1 4  ? 3.340   -2.288  -3.869  1.00 0.00 ? 4  G A N2     1 
ATOM 121 N N3     . G A 1 4  ? 2.560   -0.113  -4.099  1.00 0.00 ? 4  G A N3     1 
ATOM 122 C C4     . G A 1 4  ? 1.692   0.808   -3.580  1.00 0.00 ? 4  G A C4     1 
ATOM 123 H "H5'"  . G A 1 4  ? 0.124   6.084   -6.328  1.00 0.00 ? 4  G A "H5'"  1 
ATOM 124 H "H5''" . G A 1 4  ? -0.712  5.119   -7.559  1.00 0.00 ? 4  G A "H5''" 1 
ATOM 125 H "H4'"  . G A 1 4  ? 1.671   4.517   -7.412  1.00 0.00 ? 4  G A "H4'"  1 
ATOM 126 H "H3'"  . G A 1 4  ? -0.309  2.401   -6.487  1.00 0.00 ? 4  G A "H3'"  1 
ATOM 127 H "H2'"  . G A 1 4  ? 1.551   0.872   -6.384  1.00 0.00 ? 4  G A "H2'"  1 
ATOM 128 H "HO2'" . G A 1 4  ? 3.087   2.937   -7.592  1.00 0.00 ? 4  G A "HO2'" 1 
ATOM 129 H "H1'"  . G A 1 4  ? 3.176   2.683   -5.044  1.00 0.00 ? 4  G A "H1'"  1 
ATOM 130 H H8     . G A 1 4  ? -0.033  3.523   -3.422  1.00 0.00 ? 4  G A H8     1 
ATOM 131 H H1     . G A 1 4  ? 1.894   -2.409  -1.835  1.00 0.00 ? 4  G A H1     1 
ATOM 132 H H21    . G A 1 4  ? 3.319   -3.185  -3.403  1.00 0.00 ? 4  G A H21    1 
ATOM 133 H H22    . G A 1 4  ? 3.897   -2.157  -4.699  1.00 0.00 ? 4  G A H22    1 
ATOM 134 P P      . A A 1 5  ? -0.666  1.486   -9.072  1.00 0.00 ? 5  A A P      1 
ATOM 135 O OP1    . A A 1 5  ? -0.363  1.326   -10.512 1.00 0.00 ? 5  A A OP1    1 
ATOM 136 O OP2    . A A 1 5  ? -2.017  1.918   -8.655  1.00 0.00 ? 5  A A OP2    1 
ATOM 137 O "O5'"  . A A 1 5  ? -0.344  0.091   -8.319  1.00 0.00 ? 5  A A "O5'"  1 
ATOM 138 C "C5'"  . A A 1 5  ? 0.696   -0.789  -8.712  1.00 0.00 ? 5  A A "C5'"  1 
ATOM 139 C "C4'"  . A A 1 5  ? 0.652   -2.067  -7.854  1.00 0.00 ? 5  A A "C4'"  1 
ATOM 140 O "O4'"  . A A 1 5  ? 0.958   -1.816  -6.491  1.00 0.00 ? 5  A A "O4'"  1 
ATOM 141 C "C3'"  . A A 1 5  ? -0.723  -2.744  -7.859  1.00 0.00 ? 5  A A "C3'"  1 
ATOM 142 O "O3'"  . A A 1 5  ? -0.918  -3.519  -9.035  1.00 0.00 ? 5  A A "O3'"  1 
ATOM 143 C "C2'"  . A A 1 5  ? -0.637  -3.592  -6.590  1.00 0.00 ? 5  A A "C2'"  1 
ATOM 144 O "O2'"  . A A 1 5  ? 0.075   -4.794  -6.826  1.00 0.00 ? 5  A A "O2'"  1 
ATOM 145 C "C1'"  . A A 1 5  ? 0.178   -2.675  -5.664  1.00 0.00 ? 5  A A "C1'"  1 
ATOM 146 N N9     . A A 1 5  ? -0.709  -1.858  -4.795  1.00 0.00 ? 5  A A N9     1 
ATOM 147 C C8     . A A 1 5  ? -1.163  -0.573  -4.977  1.00 0.00 ? 5  A A C8     1 
ATOM 148 N N7     . A A 1 5  ? -1.855  -0.097  -3.981  1.00 0.00 ? 5  A A N7     1 
ATOM 149 C C5     . A A 1 5  ? -1.876  -1.144  -3.067  1.00 0.00 ? 5  A A C5     1 
ATOM 150 C C6     . A A 1 5  ? -2.420  -1.289  -1.764  1.00 0.00 ? 5  A A C6     1 
ATOM 151 N N6     . A A 1 5  ? -3.065  -0.308  -1.127  1.00 0.00 ? 5  A A N6     1 
ATOM 152 N N1     . A A 1 5  ? -2.293  -2.478  -1.130  1.00 0.00 ? 5  A A N1     1 
ATOM 153 C C2     . A A 1 5  ? -1.642  -3.470  -1.744  1.00 0.00 ? 5  A A C2     1 
ATOM 154 N N3     . A A 1 5  ? -1.060  -3.452  -2.949  1.00 0.00 ? 5  A A N3     1 
ATOM 155 C C4     . A A 1 5  ? -1.214  -2.241  -3.572  1.00 0.00 ? 5  A A C4     1 
ATOM 156 H "H5'"  . A A 1 5  ? 1.669   -0.307  -8.605  1.00 0.00 ? 5  A A "H5'"  1 
ATOM 157 H "H5''" . A A 1 5  ? 0.559   -1.078  -9.755  1.00 0.00 ? 5  A A "H5''" 1 
ATOM 158 H "H4'"  . A A 1 5  ? 1.400   -2.769  -8.227  1.00 0.00 ? 5  A A "H4'"  1 
ATOM 159 H "H3'"  . A A 1 5  ? -1.505  -1.995  -7.716  1.00 0.00 ? 5  A A "H3'"  1 
ATOM 160 H "H2'"  . A A 1 5  ? -1.626  -3.828  -6.195  1.00 0.00 ? 5  A A "H2'"  1 
ATOM 161 H "HO2'" . A A 1 5  ? -0.331  -5.241  -7.573  1.00 0.00 ? 5  A A "HO2'" 1 
ATOM 162 H "H1'"  . A A 1 5  ? 0.847   -3.261  -5.030  1.00 0.00 ? 5  A A "H1'"  1 
ATOM 163 H H8     . A A 1 5  ? -0.953  0.014   -5.856  1.00 0.00 ? 5  A A H8     1 
ATOM 164 H H61    . A A 1 5  ? -3.508  -0.513  -0.241  1.00 0.00 ? 5  A A H61    1 
ATOM 165 H H62    . A A 1 5  ? -3.190  0.590   -1.572  1.00 0.00 ? 5  A A H62    1 
ATOM 166 H H2     . A A 1 5  ? -1.577  -4.389  -1.187  1.00 0.00 ? 5  A A H2     1 
ATOM 167 P P      . U A 1 6  ? -2.355  -3.626  -9.761  1.00 0.00 ? 6  U A P      1 
ATOM 168 O OP1    . U A 1 6  ? -2.243  -4.618  -10.852 1.00 0.00 ? 6  U A OP1    1 
ATOM 169 O OP2    . U A 1 6  ? -2.812  -2.252  -10.065 1.00 0.00 ? 6  U A OP2    1 
ATOM 170 O "O5'"  . U A 1 6  ? -3.314  -4.229  -8.609  1.00 0.00 ? 6  U A "O5'"  1 
ATOM 171 C "C5'"  . U A 1 6  ? -3.375  -5.613  -8.315  1.00 0.00 ? 6  U A "C5'"  1 
ATOM 172 C "C4'"  . U A 1 6  ? -4.335  -5.864  -7.144  1.00 0.00 ? 6  U A "C4'"  1 
ATOM 173 O "O4'"  . U A 1 6  ? -3.843  -5.297  -5.939  1.00 0.00 ? 6  U A "O4'"  1 
ATOM 174 C "C3'"  . U A 1 6  ? -5.727  -5.251  -7.340  1.00 0.00 ? 6  U A "C3'"  1 
ATOM 175 O "O3'"  . U A 1 6  ? -6.517  -5.997  -8.259  1.00 0.00 ? 6  U A "O3'"  1 
ATOM 176 C "C2'"  . U A 1 6  ? -6.227  -5.274  -5.894  1.00 0.00 ? 6  U A "C2'"  1 
ATOM 177 O "O2'"  . U A 1 6  ? -6.755  -6.551  -5.580  1.00 0.00 ? 6  U A "O2'"  1 
ATOM 178 C "C1'"  . U A 1 6  ? -4.938  -5.019  -5.082  1.00 0.00 ? 6  U A "C1'"  1 
ATOM 179 N N1     . U A 1 6  ? -4.869  -3.609  -4.577  1.00 0.00 ? 6  U A N1     1 
ATOM 180 C C2     . U A 1 6  ? -5.102  -3.366  -3.212  1.00 0.00 ? 6  U A C2     1 
ATOM 181 O O2     . U A 1 6  ? -5.181  -4.256  -2.370  1.00 0.00 ? 6  U A O2     1 
ATOM 182 N N3     . U A 1 6  ? -5.240  -2.037  -2.825  1.00 0.00 ? 6  U A N3     1 
ATOM 183 C C4     . U A 1 6  ? -5.136  -0.933  -3.668  1.00 0.00 ? 6  U A C4     1 
ATOM 184 O O4     . U A 1 6  ? -5.308  0.198   -3.224  1.00 0.00 ? 6  U A O4     1 
ATOM 185 C C5     . U A 1 6  ? -4.792  -1.260  -5.043  1.00 0.00 ? 6  U A C5     1 
ATOM 186 C C6     . U A 1 6  ? -4.671  -2.553  -5.447  1.00 0.00 ? 6  U A C6     1 
ATOM 187 H "H5'"  . U A 1 6  ? -2.386  -5.993  -8.055  1.00 0.00 ? 6  U A "H5'"  1 
ATOM 188 H "H5''" . U A 1 6  ? -3.744  -6.157  -9.188  1.00 0.00 ? 6  U A "H5''" 1 
ATOM 189 H "H4'"  . U A 1 6  ? -4.432  -6.941  -6.991  1.00 0.00 ? 6  U A "H4'"  1 
ATOM 190 H "H3'"  . U A 1 6  ? -5.630  -4.217  -7.674  1.00 0.00 ? 6  U A "H3'"  1 
ATOM 191 H "H2'"  . U A 1 6  ? -6.986  -4.512  -5.721  1.00 0.00 ? 6  U A "H2'"  1 
ATOM 192 H "HO2'" . U A 1 6  ? -6.936  -6.589  -4.637  1.00 0.00 ? 6  U A "HO2'" 1 
ATOM 193 H "H1'"  . U A 1 6  ? -4.880  -5.738  -4.265  1.00 0.00 ? 6  U A "H1'"  1 
ATOM 194 H H3     . U A 1 6  ? -5.394  -1.858  -1.842  1.00 0.00 ? 6  U A H3     1 
ATOM 195 H H5     . U A 1 6  ? -4.636  -0.462  -5.753  1.00 0.00 ? 6  U A H5     1 
ATOM 196 H H6     . U A 1 6  ? -4.417  -2.747  -6.479  1.00 0.00 ? 6  U A H6     1 
ATOM 197 P P      . C A 1 7  ? -7.902  -5.429  -8.879  1.00 0.00 ? 7  C A P      1 
ATOM 198 O OP1    . C A 1 7  ? -8.407  -6.430  -9.843  1.00 0.00 ? 7  C A OP1    1 
ATOM 199 O OP2    . C A 1 7  ? -7.668  -4.038  -9.328  1.00 0.00 ? 7  C A OP2    1 
ATOM 200 O "O5'"  . C A 1 7  ? -8.929  -5.386  -7.632  1.00 0.00 ? 7  C A "O5'"  1 
ATOM 201 C "C5'"  . C A 1 7  ? -10.232 -4.833  -7.760  1.00 0.00 ? 7  C A "C5'"  1 
ATOM 202 C "C4'"  . C A 1 7  ? -10.997 -4.914  -6.428  1.00 0.00 ? 7  C A "C4'"  1 
ATOM 203 O "O4'"  . C A 1 7  ? -11.155 -6.256  -6.012  1.00 0.00 ? 7  C A "O4'"  1 
ATOM 204 C "C3'"  . C A 1 7  ? -10.271 -4.221  -5.273  1.00 0.00 ? 7  C A "C3'"  1 
ATOM 205 O "O3'"  . C A 1 7  ? -10.506 -2.818  -5.270  1.00 0.00 ? 7  C A "O3'"  1 
ATOM 206 C "C2'"  . C A 1 7  ? -10.814 -4.970  -4.048  1.00 0.00 ? 7  C A "C2'"  1 
ATOM 207 O "O2'"  . C A 1 7  ? -11.791 -4.236  -3.332  1.00 0.00 ? 7  C A "O2'"  1 
ATOM 208 C "C1'"  . C A 1 7  ? -11.429 -6.258  -4.620  1.00 0.00 ? 7  C A "C1'"  1 
ATOM 209 N N1     . C A 1 7  ? -10.850 -7.458  -3.941  1.00 0.00 ? 7  C A N1     1 
ATOM 210 C C2     . C A 1 7  ? -11.484 -7.969  -2.796  1.00 0.00 ? 7  C A C2     1 
ATOM 211 O O2     . C A 1 7  ? -12.521 -7.468  -2.365  1.00 0.00 ? 7  C A O2     1 
ATOM 212 N N3     . C A 1 7  ? -10.920 -9.043  -2.159  1.00 0.00 ? 7  C A N3     1 
ATOM 213 C C4     . C A 1 7  ? -9.778  -9.596  -2.603  1.00 0.00 ? 7  C A C4     1 
ATOM 214 N N4     . C A 1 7  ? -9.276  -10.637 -1.935  1.00 0.00 ? 7  C A N4     1 
ATOM 215 C C5     . C A 1 7  ? -9.081  -9.057  -3.744  1.00 0.00 ? 7  C A C5     1 
ATOM 216 C C6     . C A 1 7  ? -9.646  -7.986  -4.361  1.00 0.00 ? 7  C A C6     1 
ATOM 217 H "H5'"  . C A 1 7  ? -10.795 -5.375  -8.523  1.00 0.00 ? 7  C A "H5'"  1 
ATOM 218 H "H5''" . C A 1 7  ? -10.161 -3.784  -8.054  1.00 0.00 ? 7  C A "H5''" 1 
ATOM 219 H "H4'"  . C A 1 7  ? -11.991 -4.475  -6.551  1.00 0.00 ? 7  C A "H4'"  1 
ATOM 220 H "H3'"  . C A 1 7  ? -9.205  -4.433  -5.355  1.00 0.00 ? 7  C A "H3'"  1 
ATOM 221 H "H2'"  . C A 1 7  ? -9.979  -5.209  -3.393  1.00 0.00 ? 7  C A "H2'"  1 
ATOM 222 H "HO2'" . C A 1 7  ? -11.377 -3.437  -2.997  1.00 0.00 ? 7  C A "HO2'" 1 
ATOM 223 H "H1'"  . C A 1 7  ? -12.517 -6.237  -4.529  1.00 0.00 ? 7  C A "H1'"  1 
ATOM 224 H H41    . C A 1 7  ? -9.771  -10.986 -1.127  1.00 0.00 ? 7  C A H41    1 
ATOM 225 H H42    . C A 1 7  ? -8.409  -11.060 -2.231  1.00 0.00 ? 7  C A H42    1 
ATOM 226 H H5     . C A 1 7  ? -8.140  -9.446  -4.107  1.00 0.00 ? 7  C A H5     1 
ATOM 227 H H6     . C A 1 7  ? -9.131  -7.513  -5.183  1.00 0.00 ? 7  C A H6     1 
ATOM 228 P P      . G A 1 8  ? -9.582  -1.786  -4.432  1.00 0.00 ? 8  G A P      1 
ATOM 229 O OP1    . G A 1 8  ? -10.191 -0.442  -4.532  1.00 0.00 ? 8  G A OP1    1 
ATOM 230 O OP2    . G A 1 8  ? -8.179  -1.988  -4.863  1.00 0.00 ? 8  G A OP2    1 
ATOM 231 O "O5'"  . G A 1 8  ? -9.740  -2.295  -2.904  1.00 0.00 ? 8  G A "O5'"  1 
ATOM 232 C "C5'"  . G A 1 8  ? -8.625  -2.402  -2.036  1.00 0.00 ? 8  G A "C5'"  1 
ATOM 233 C "C4'"  . G A 1 8  ? -9.001  -3.132  -0.736  1.00 0.00 ? 8  G A "C4'"  1 
ATOM 234 O "O4'"  . G A 1 8  ? -9.582  -4.405  -0.991  1.00 0.00 ? 8  G A "O4'"  1 
ATOM 235 C "C3'"  . G A 1 8  ? -7.758  -3.399  0.119   1.00 0.00 ? 8  G A "C3'"  1 
ATOM 236 O "O3'"  . G A 1 8  ? -7.410  -2.294  0.940   1.00 0.00 ? 8  G A "O3'"  1 
ATOM 237 C "C2'"  . G A 1 8  ? -8.186  -4.641  0.902   1.00 0.00 ? 8  G A "C2'"  1 
ATOM 238 O "O2'"  . G A 1 8  ? -9.052  -4.314  1.975   1.00 0.00 ? 8  G A "O2'"  1 
ATOM 239 C "C1'"  . G A 1 8  ? -8.962  -5.399  -0.183  1.00 0.00 ? 8  G A "C1'"  1 
ATOM 240 N N9     . G A 1 8  ? -8.056  -6.252  -1.002  1.00 0.00 ? 8  G A N9     1 
ATOM 241 C C8     . G A 1 8  ? -7.561  -6.043  -2.267  1.00 0.00 ? 8  G A C8     1 
ATOM 242 N N7     . G A 1 8  ? -6.832  -7.016  -2.733  1.00 0.00 ? 8  G A N7     1 
ATOM 243 C C5     . G A 1 8  ? -6.837  -7.953  -1.711  1.00 0.00 ? 8  G A C5     1 
ATOM 244 C C6     . G A 1 8  ? -6.269  -9.271  -1.659  1.00 0.00 ? 8  G A C6     1 
ATOM 245 O O6     . G A 1 8  ? -5.676  -9.873  -2.548  1.00 0.00 ? 8  G A O6     1 
ATOM 246 N N1     . G A 1 8  ? -6.463  -9.901  -0.427  1.00 0.00 ? 8  G A N1     1 
ATOM 247 C C2     . G A 1 8  ? -7.187  -9.344  0.617   1.00 0.00 ? 8  G A C2     1 
ATOM 248 N N2     . G A 1 8  ? -7.296  -10.073 1.730   1.00 0.00 ? 8  G A N2     1 
ATOM 249 N N3     . G A 1 8  ? -7.772  -8.132  0.550   1.00 0.00 ? 8  G A N3     1 
ATOM 250 C C4     . G A 1 8  ? -7.562  -7.483  -0.636  1.00 0.00 ? 8  G A C4     1 
ATOM 251 H "H5'"  . G A 1 8  ? -8.246  -1.407  -1.796  1.00 0.00 ? 8  G A "H5'"  1 
ATOM 252 H "H5''" . G A 1 8  ? -7.834  -2.964  -2.529  1.00 0.00 ? 8  G A "H5''" 1 
ATOM 253 H "H4'"  . G A 1 8  ? -9.723  -2.537  -0.174  1.00 0.00 ? 8  G A "H4'"  1 
ATOM 254 H "H3'"  . G A 1 8  ? -6.934  -3.678  -0.542  1.00 0.00 ? 8  G A "H3'"  1 
ATOM 255 H "H2'"  . G A 1 8  ? -7.338  -5.207  1.285   1.00 0.00 ? 8  G A "H2'"  1 
ATOM 256 H "HO2'" . G A 1 8  ? -9.795  -3.814  1.629   1.00 0.00 ? 8  G A "HO2'" 1 
ATOM 257 H "H1'"  . G A 1 8  ? -9.731  -6.036  0.257   1.00 0.00 ? 8  G A "H1'"  1 
ATOM 258 H H8     . G A 1 8  ? -7.756  -5.158  -2.848  1.00 0.00 ? 8  G A H8     1 
ATOM 259 H H1     . G A 1 8  ? -6.058  -10.817 -0.311  1.00 0.00 ? 8  G A H1     1 
ATOM 260 H H21    . G A 1 8  ? -6.858  -10.980 1.792   1.00 0.00 ? 8  G A H21    1 
ATOM 261 H H22    . G A 1 8  ? -7.814  -9.701  2.512   1.00 0.00 ? 8  G A H22    1 
ATOM 262 P P      . C A 1 9  ? -5.883  -2.035  1.395   1.00 0.00 ? 9  C A P      1 
ATOM 263 O OP1    . C A 1 9  ? -5.875  -0.973  2.424   1.00 0.00 ? 9  C A OP1    1 
ATOM 264 O OP2    . C A 1 9  ? -5.084  -1.868  0.161   1.00 0.00 ? 9  C A OP2    1 
ATOM 265 O "O5'"  . C A 1 9  ? -5.477  -3.432  2.098   1.00 0.00 ? 9  C A "O5'"  1 
ATOM 266 C "C5'"  . C A 1 9  ? -4.135  -3.880  2.183   1.00 0.00 ? 9  C A "C5'"  1 
ATOM 267 C "C4'"  . C A 1 9  ? -4.122  -5.337  2.668   1.00 0.00 ? 9  C A "C4'"  1 
ATOM 268 O "O4'"  . C A 1 9  ? -4.881  -6.161  1.789   1.00 0.00 ? 9  C A "O4'"  1 
ATOM 269 C "C3'"  . C A 1 9  ? -2.714  -5.941  2.689   1.00 0.00 ? 9  C A "C3'"  1 
ATOM 270 O "O3'"  . C A 1 9  ? -1.969  -5.629  3.859   1.00 0.00 ? 9  C A "O3'"  1 
ATOM 271 C "C2'"  . C A 1 9  ? -3.065  -7.426  2.609   1.00 0.00 ? 9  C A "C2'"  1 
ATOM 272 O "O2'"  . C A 1 9  ? -3.499  -7.933  3.859   1.00 0.00 ? 9  C A "O2'"  1 
ATOM 273 C "C1'"  . C A 1 9  ? -4.237  -7.417  1.619   1.00 0.00 ? 9  C A "C1'"  1 
ATOM 274 N N1     . C A 1 9  ? -3.762  -7.646  0.216   1.00 0.00 ? 9  C A N1     1 
ATOM 275 C C2     . C A 1 9  ? -3.369  -8.950  -0.140  1.00 0.00 ? 9  C A C2     1 
ATOM 276 O O2     . C A 1 9  ? -3.395  -9.866  0.680   1.00 0.00 ? 9  C A O2     1 
ATOM 277 N N3     . C A 1 9  ? -2.969  -9.191  -1.427  1.00 0.00 ? 9  C A N3     1 
ATOM 278 C C4     . C A 1 9  ? -2.948  -8.209  -2.342  1.00 0.00 ? 9  C A C4     1 
ATOM 279 N N4     . C A 1 9  ? -2.586  -8.513  -3.592  1.00 0.00 ? 9  C A N4     1 
ATOM 280 C C5     . C A 1 9  ? -3.291  -6.854  -1.994  1.00 0.00 ? 9  C A C5     1 
ATOM 281 C C6     . C A 1 9  ? -3.688  -6.625  -0.715  1.00 0.00 ? 9  C A C6     1 
ATOM 282 H "H5'"  . C A 1 9  ? -3.578  -3.253  2.882   1.00 0.00 ? 9  C A "H5'"  1 
ATOM 283 H "H5''" . C A 1 9  ? -3.656  -3.831  1.203   1.00 0.00 ? 9  C A "H5''" 1 
ATOM 284 H "H4'"  . C A 1 9  ? -4.565  -5.400  3.665   1.00 0.00 ? 9  C A "H4'"  1 
ATOM 285 H "H3'"  . C A 1 9  ? -2.193  -5.628  1.780   1.00 0.00 ? 9  C A "H3'"  1 
ATOM 286 H "H2'"  . C A 1 9  ? -2.227  -8.019  2.261   1.00 0.00 ? 9  C A "H2'"  1 
ATOM 287 H "HO2'" . C A 1 9  ? -3.721  -8.861  3.752   1.00 0.00 ? 9  C A "HO2'" 1 
ATOM 288 H "H1'"  . C A 1 9  ? -4.959  -8.194  1.877   1.00 0.00 ? 9  C A "H1'"  1 
ATOM 289 H H41    . C A 1 9  ? -2.345  -9.467  -3.814  1.00 0.00 ? 9  C A H41    1 
ATOM 290 H H42    . C A 1 9  ? -2.553  -7.794  -4.299  1.00 0.00 ? 9  C A H42    1 
ATOM 291 H H5     . C A 1 9  ? -3.218  -6.031  -2.688  1.00 0.00 ? 9  C A H5     1 
ATOM 292 H H6     . C A 1 9  ? -3.948  -5.615  -0.433  1.00 0.00 ? 9  C A H6     1 
ATOM 293 P P      . A A 1 10 ? -0.348  -5.600  3.875   1.00 0.00 ? 10 A A P      1 
ATOM 294 O OP1    . A A 1 10 ? 0.091   -5.590  5.288   1.00 0.00 ? 10 A A OP1    1 
ATOM 295 O OP2    . A A 1 10 ? 0.077   -4.506  2.973   1.00 0.00 ? 10 A A OP2    1 
ATOM 296 O "O5'"  . A A 1 10 ? 0.131   -6.997  3.205   1.00 0.00 ? 10 A A "O5'"  1 
ATOM 297 C "C5'"  . A A 1 10 ? 0.149   -8.240  3.892   1.00 0.00 ? 10 A A "C5'"  1 
ATOM 298 C "C4'"  . A A 1 10 ? 0.562   -9.377  2.932   1.00 0.00 ? 10 A A "C4'"  1 
ATOM 299 O "O4'"  . A A 1 10 ? -0.365  -9.537  1.864   1.00 0.00 ? 10 A A "O4'"  1 
ATOM 300 C "C3'"  . A A 1 10 ? 1.934   -9.174  2.282   1.00 0.00 ? 10 A A "C3'"  1 
ATOM 301 O "O3'"  . A A 1 10 ? 3.006   -9.599  3.115   1.00 0.00 ? 10 A A "O3'"  1 
ATOM 302 C "C2'"  . A A 1 10 ? 1.788   -10.037 1.025   1.00 0.00 ? 10 A A "C2'"  1 
ATOM 303 O "O2'"  . A A 1 10 ? 1.986   -11.407 1.324   1.00 0.00 ? 10 A A "O2'"  1 
ATOM 304 C "C1'"  . A A 1 10 ? 0.322   -9.795  0.644   1.00 0.00 ? 10 A A "C1'"  1 
ATOM 305 N N9     . A A 1 10 ? 0.193   -8.646  -0.297  1.00 0.00 ? 10 A A N9     1 
ATOM 306 C C8     . A A 1 10 ? -0.239  -7.365  -0.054  1.00 0.00 ? 10 A A C8     1 
ATOM 307 N N7     . A A 1 10 ? -0.263  -6.590  -1.098  1.00 0.00 ? 10 A A N7     1 
ATOM 308 C C5     . A A 1 10 ? 0.177   -7.407  -2.126  1.00 0.00 ? 10 A A C5     1 
ATOM 309 C C6     . A A 1 10 ? 0.349   -7.204  -3.520  1.00 0.00 ? 10 A A C6     1 
ATOM 310 N N6     . A A 1 10 ? 0.088   -6.040  -4.125  1.00 0.00 ? 10 A A N6     1 
ATOM 311 N N1     . A A 1 10 ? 0.775   -8.240  -4.281  1.00 0.00 ? 10 A A N1     1 
ATOM 312 C C2     . A A 1 10 ? 1.017   -9.418  -3.693  1.00 0.00 ? 10 A A C2     1 
ATOM 313 N N3     . A A 1 10 ? 0.889   -9.732  -2.398  1.00 0.00 ? 10 A A N3     1 
ATOM 314 C C4     . A A 1 10 ? 0.456   -8.670  -1.650  1.00 0.00 ? 10 A A C4     1 
ATOM 315 H "H5'"  . A A 1 10 ? -0.836  -8.461  4.305   1.00 0.00 ? 10 A A "H5'"  1 
ATOM 316 H "H5''" . A A 1 10 ? 0.869   -8.193  4.710   1.00 0.00 ? 10 A A "H5''" 1 
ATOM 317 H "H4'"  . A A 1 10 ? 0.571   -10.316 3.490   1.00 0.00 ? 10 A A "H4'"  1 
ATOM 318 H "H3'"  . A A 1 10 ? 2.031   -8.125  1.999   1.00 0.00 ? 10 A A "H3'"  1 
ATOM 319 H "H2'"  . A A 1 10 ? 2.479   -9.745  0.236   1.00 0.00 ? 10 A A "H2'"  1 
ATOM 320 H "HO2'" . A A 1 10 ? 2.860   -11.506 1.709   1.00 0.00 ? 10 A A "HO2'" 1 
ATOM 321 H "H1'"  . A A 1 10 ? -0.110  -10.677 0.168   1.00 0.00 ? 10 A A "H1'"  1 
ATOM 322 H H8     . A A 1 10 ? -0.550  -7.013  0.909   1.00 0.00 ? 10 A A H8     1 
ATOM 323 H H61    . A A 1 10 ? 0.226   -5.946  -5.121  1.00 0.00 ? 10 A A H61    1 
ATOM 324 H H62    . A A 1 10 ? -0.235  -5.248  -3.582  1.00 0.00 ? 10 A A H62    1 
ATOM 325 H H2     . A A 1 10 ? 1.355   -10.212 -4.342  1.00 0.00 ? 10 A A H2     1 
ATOM 326 P P      . C A 1 11 ? 4.518   -9.053  2.920   1.00 0.00 ? 11 C A P      1 
ATOM 327 O OP1    . C A 1 11 ? 5.423   -9.923  3.701   1.00 0.00 ? 11 C A OP1    1 
ATOM 328 O OP2    . C A 1 11 ? 4.497   -7.597  3.181   1.00 0.00 ? 11 C A OP2    1 
ATOM 329 O "O5'"  . C A 1 11 ? 4.827   -9.289  1.347   1.00 0.00 ? 11 C A "O5'"  1 
ATOM 330 C "C5'"  . C A 1 11 ? 5.778   -8.504  0.640   1.00 0.00 ? 11 C A "C5'"  1 
ATOM 331 C "C4'"  . C A 1 11 ? 5.564   -8.623  -0.881  1.00 0.00 ? 11 C A "C4'"  1 
ATOM 332 O "O4'"  . C A 1 11 ? 4.188   -8.591  -1.249  1.00 0.00 ? 11 C A "O4'"  1 
ATOM 333 C "C3'"  . C A 1 11 ? 6.252   -7.481  -1.648  1.00 0.00 ? 11 C A "C3'"  1 
ATOM 334 O "O3'"  . C A 1 11 ? 7.588   -7.833  -1.991  1.00 0.00 ? 11 C A "O3'"  1 
ATOM 335 C "C2'"  . C A 1 11 ? 5.274   -7.234  -2.801  1.00 0.00 ? 11 C A "C2'"  1 
ATOM 336 O "O2'"  . C A 1 11 ? 5.438   -8.186  -3.838  1.00 0.00 ? 11 C A "O2'"  1 
ATOM 337 C "C1'"  . C A 1 11 ? 3.927   -7.492  -2.109  1.00 0.00 ? 11 C A "C1'"  1 
ATOM 338 N N1     . C A 1 11 ? 3.343   -6.318  -1.374  1.00 0.00 ? 11 C A N1     1 
ATOM 339 C C2     . C A 1 11 ? 2.813   -5.256  -2.129  1.00 0.00 ? 11 C A C2     1 
ATOM 340 O O2     . C A 1 11 ? 3.025   -5.167  -3.336  1.00 0.00 ? 11 C A O2     1 
ATOM 341 N N3     . C A 1 11 ? 2.033   -4.319  -1.502  1.00 0.00 ? 11 C A N3     1 
ATOM 342 C C4     . C A 1 11 ? 1.777   -4.393  -0.183  1.00 0.00 ? 11 C A C4     1 
ATOM 343 N N4     . C A 1 11 ? 0.940   -3.511  0.367   1.00 0.00 ? 11 C A N4     1 
ATOM 344 C C5     . C A 1 11 ? 2.354   -5.432  0.626   1.00 0.00 ? 11 C A C5     1 
ATOM 345 C C6     . C A 1 11 ? 3.112   -6.358  -0.009  1.00 0.00 ? 11 C A C6     1 
ATOM 346 H "H5'"  . C A 1 11 ? 6.788   -8.834  0.893   1.00 0.00 ? 11 C A "H5'"  1 
ATOM 347 H "H5''" . C A 1 11 ? 5.689   -7.456  0.927   1.00 0.00 ? 11 C A "H5''" 1 
ATOM 348 H "H4'"  . C A 1 11 ? 5.947   -9.587  -1.220  1.00 0.00 ? 11 C A "H4'"  1 
ATOM 349 H "H3'"  . C A 1 11 ? 6.261   -6.577  -1.037  1.00 0.00 ? 11 C A "H3'"  1 
ATOM 350 H "H2'"  . C A 1 11 ? 5.368   -6.227  -3.209  1.00 0.00 ? 11 C A "H2'"  1 
ATOM 351 H "HO2'" . C A 1 11 ? 4.811   -7.988  -4.538  1.00 0.00 ? 11 C A "HO2'" 1 
ATOM 352 H "H1'"  . C A 1 11 ? 3.192   -7.814  -2.846  1.00 0.00 ? 11 C A "H1'"  1 
ATOM 353 H H41    . C A 1 11 ? 0.535   -2.778  -0.198  1.00 0.00 ? 11 C A H41    1 
ATOM 354 H H42    . C A 1 11 ? 0.693   -3.601  1.345   1.00 0.00 ? 11 C A H42    1 
ATOM 355 H H5     . C A 1 11 ? 2.197   -5.513  1.693   1.00 0.00 ? 11 C A H5     1 
ATOM 356 H H6     . C A 1 11 ? 3.501   -7.162  0.585   1.00 0.00 ? 11 C A H6     1 
ATOM 357 P P      . U A 1 12 ? 8.503   -6.999  -3.037  1.00 0.00 ? 12 U A P      1 
ATOM 358 O OP1    . U A 1 12 ? 8.139   -7.424  -4.406  1.00 0.00 ? 12 U A OP1    1 
ATOM 359 O OP2    . U A 1 12 ? 9.910   -7.116  -2.594  1.00 0.00 ? 12 U A OP2    1 
ATOM 360 O "O5'"  . U A 1 12 ? 8.048   -5.459  -2.872  1.00 0.00 ? 12 U A "O5'"  1 
ATOM 361 C "C5'"  . U A 1 12 ? 8.446   -4.653  -1.777  1.00 0.00 ? 12 U A "C5'"  1 
ATOM 362 C "C4'"  . U A 1 12 ? 7.892   -3.242  -2.006  1.00 0.00 ? 12 U A "C4'"  1 
ATOM 363 O "O4'"  . U A 1 12 ? 6.475   -3.211  -1.934  1.00 0.00 ? 12 U A "O4'"  1 
ATOM 364 C "C3'"  . U A 1 12 ? 8.317   -2.241  -0.934  1.00 0.00 ? 12 U A "C3'"  1 
ATOM 365 O "O3'"  . U A 1 12 ? 9.689   -1.880  -1.010  1.00 0.00 ? 12 U A "O3'"  1 
ATOM 366 C "C2'"  . U A 1 12 ? 7.347   -1.102  -1.258  1.00 0.00 ? 12 U A "C2'"  1 
ATOM 367 O "O2'"  . U A 1 12 ? 7.800   -0.311  -2.342  1.00 0.00 ? 12 U A "O2'"  1 
ATOM 368 C "C1'"  . U A 1 12 ? 6.081   -1.868  -1.685  1.00 0.00 ? 12 U A "C1'"  1 
ATOM 369 N N1     . U A 1 12 ? 5.026   -1.736  -0.638  1.00 0.00 ? 12 U A N1     1 
ATOM 370 C C2     . U A 1 12 ? 4.325   -0.522  -0.594  1.00 0.00 ? 12 U A C2     1 
ATOM 371 O O2     . U A 1 12 ? 4.510   0.393   -1.395  1.00 0.00 ? 12 U A O2     1 
ATOM 372 N N3     . U A 1 12 ? 3.390   -0.384  0.421   1.00 0.00 ? 12 U A N3     1 
ATOM 373 C C4     . U A 1 12 ? 3.110   -1.315  1.409   1.00 0.00 ? 12 U A C4     1 
ATOM 374 O O4     . U A 1 12 ? 2.232   -1.079  2.234   1.00 0.00 ? 12 U A O4     1 
ATOM 375 C C5     . U A 1 12 ? 3.930   -2.515  1.345   1.00 0.00 ? 12 U A C5     1 
ATOM 376 C C6     . U A 1 12 ? 4.837   -2.693  0.346   1.00 0.00 ? 12 U A C6     1 
ATOM 377 H "H5'"  . U A 1 12 ? 9.535   -4.597  -1.734  1.00 0.00 ? 12 U A "H5'"  1 
ATOM 378 H "H5''" . U A 1 12 ? 8.072   -5.056  -0.835  1.00 0.00 ? 12 U A "H5''" 1 
ATOM 379 H "H4'"  . U A 1 12 ? 8.214   -2.884  -2.987  1.00 0.00 ? 12 U A "H4'"  1 
ATOM 380 H "H3'"  . U A 1 12 ? 8.077   -2.665  0.044   1.00 0.00 ? 12 U A "H3'"  1 
ATOM 381 H "H2'"  . U A 1 12 ? 7.194   -0.466  -0.389  1.00 0.00 ? 12 U A "H2'"  1 
ATOM 382 H "HO2'" . U A 1 12 ? 7.207   0.439   -2.440  1.00 0.00 ? 12 U A "HO2'" 1 
ATOM 383 H "H1'"  . U A 1 12 ? 5.702   -1.479  -2.633  1.00 0.00 ? 12 U A "H1'"  1 
ATOM 384 H H3     . U A 1 12 ? 2.868   0.478   0.441   1.00 0.00 ? 12 U A H3     1 
ATOM 385 H H5     . U A 1 12 ? 3.808   -3.279  2.099   1.00 0.00 ? 12 U A H5     1 
ATOM 386 H H6     . U A 1 12 ? 5.426   -3.599  0.335   1.00 0.00 ? 12 U A H6     1 
ATOM 387 P P      . C A 1 13 ? 10.423  -1.047  0.171   1.00 0.00 ? 13 C A P      1 
ATOM 388 O OP1    . C A 1 13 ? 11.850  -0.906  -0.193  1.00 0.00 ? 13 C A OP1    1 
ATOM 389 O OP2    . C A 1 13 ? 10.061  -1.676  1.462   1.00 0.00 ? 13 C A OP2    1 
ATOM 390 O "O5'"  . C A 1 13 ? 9.740   0.417   0.125   1.00 0.00 ? 13 C A "O5'"  1 
ATOM 391 C "C5'"  . C A 1 13 ? 10.072  1.377   -0.865  1.00 0.00 ? 13 C A "C5'"  1 
ATOM 392 C "C4'"  . C A 1 13 ? 9.179   2.620   -0.730  1.00 0.00 ? 13 C A "C4'"  1 
ATOM 393 O "O4'"  . C A 1 13 ? 7.793   2.301   -0.760  1.00 0.00 ? 13 C A "O4'"  1 
ATOM 394 C "C3'"  . C A 1 13 ? 9.371   3.377   0.584   1.00 0.00 ? 13 C A "C3'"  1 
ATOM 395 O "O3'"  . C A 1 13 ? 10.594  4.101   0.631   1.00 0.00 ? 13 C A "O3'"  1 
ATOM 396 C "C2'"  . C A 1 13 ? 8.121   4.259   0.550   1.00 0.00 ? 13 C A "C2'"  1 
ATOM 397 O "O2'"  . C A 1 13 ? 8.288   5.377   -0.302  1.00 0.00 ? 13 C A "O2'"  1 
ATOM 398 C "C1'"  . C A 1 13 ? 7.074   3.313   -0.059  1.00 0.00 ? 13 C A "C1'"  1 
ATOM 399 N N1     . C A 1 13 ? 6.177   2.769   1.009   1.00 0.00 ? 13 C A N1     1 
ATOM 400 C C2     . C A 1 13 ? 5.105   3.569   1.444   1.00 0.00 ? 13 C A C2     1 
ATOM 401 O O2     . C A 1 13 ? 4.957   4.716   1.026   1.00 0.00 ? 13 C A O2     1 
ATOM 402 N N3     . C A 1 13 ? 4.215   3.049   2.343   1.00 0.00 ? 13 C A N3     1 
ATOM 403 C C4     . C A 1 13 ? 4.383   1.813   2.846   1.00 0.00 ? 13 C A C4     1 
ATOM 404 N N4     . C A 1 13 ? 3.460   1.336   3.682   1.00 0.00 ? 13 C A N4     1 
ATOM 405 C C5     . C A 1 13 ? 5.539   1.019   2.511   1.00 0.00 ? 13 C A C5     1 
ATOM 406 C C6     . C A 1 13 ? 6.401   1.539   1.598   1.00 0.00 ? 13 C A C6     1 
ATOM 407 H "H5'"  . C A 1 13 ? 9.945   0.957   -1.863  1.00 0.00 ? 13 C A "H5'"  1 
ATOM 408 H "H5''" . C A 1 13 ? 11.114  1.679   -0.751  1.00 0.00 ? 13 C A "H5''" 1 
ATOM 409 H "H4'"  . C A 1 13 ? 9.395   3.291   -1.565  1.00 0.00 ? 13 C A "H4'"  1 
ATOM 410 H "H3'"  . C A 1 13 ? 9.300   2.670   1.414   1.00 0.00 ? 13 C A "H3'"  1 
ATOM 411 H "H2'"  . C A 1 13 ? 7.856   4.599   1.548   1.00 0.00 ? 13 C A "H2'"  1 
ATOM 412 H "HO2'" . C A 1 13 ? 7.541   5.969   -0.176  1.00 0.00 ? 13 C A "HO2'" 1 
ATOM 413 H "H1'"  . C A 1 13 ? 6.468   3.836   -0.802  1.00 0.00 ? 13 C A "H1'"  1 
ATOM 414 H H41    . C A 1 13 ? 2.661   1.911   3.908   1.00 0.00 ? 13 C A H41    1 
ATOM 415 H H42    . C A 1 13 ? 3.546   0.405   4.060   1.00 0.00 ? 13 C A H42    1 
ATOM 416 H H5     . C A 1 13 ? 5.739   0.049   2.942   1.00 0.00 ? 13 C A H5     1 
ATOM 417 H H6     . C A 1 13 ? 7.287   0.977   1.344   1.00 0.00 ? 13 C A H6     1 
ATOM 418 P P      . C A 1 14 ? 11.156  4.760   2.000   1.00 0.00 ? 14 C A P      1 
ATOM 419 O OP1    . C A 1 14 ? 12.454  5.405   1.695   1.00 0.00 ? 14 C A OP1    1 
ATOM 420 O OP2    . C A 1 14 ? 11.086  3.732   3.063   1.00 0.00 ? 14 C A OP2    1 
ATOM 421 O "O5'"  . C A 1 14 ? 10.089  5.917   2.363   1.00 0.00 ? 14 C A "O5'"  1 
ATOM 422 C "C5'"  . C A 1 14 ? 10.046  7.158   1.676   1.00 0.00 ? 14 C A "C5'"  1 
ATOM 423 C "C4'"  . C A 1 14 ? 8.795   7.947   2.094   1.00 0.00 ? 14 C A "C4'"  1 
ATOM 424 O "O4'"  . C A 1 14 ? 7.610   7.185   1.927   1.00 0.00 ? 14 C A "O4'"  1 
ATOM 425 C "C3'"  . C A 1 14 ? 8.802   8.380   3.561   1.00 0.00 ? 14 C A "C3'"  1 
ATOM 426 O "O3'"  . C A 1 14 ? 9.649   9.506   3.743   1.00 0.00 ? 14 C A "O3'"  1 
ATOM 427 C "C2'"  . C A 1 14 ? 7.311   8.668   3.771   1.00 0.00 ? 14 C A "C2'"  1 
ATOM 428 O "O2'"  . C A 1 14 ? 6.959   9.973   3.346   1.00 0.00 ? 14 C A "O2'"  1 
ATOM 429 C "C1'"  . C A 1 14 ? 6.636   7.623   2.862   1.00 0.00 ? 14 C A "C1'"  1 
ATOM 430 N N1     . C A 1 14 ? 6.078   6.486   3.661   1.00 0.00 ? 14 C A N1     1 
ATOM 431 C C2     . C A 1 14 ? 4.750   6.581   4.112   1.00 0.00 ? 14 C A C2     1 
ATOM 432 O O2     . C A 1 14 ? 4.077   7.585   3.899   1.00 0.00 ? 14 C A O2     1 
ATOM 433 N N3     . C A 1 14 ? 4.215   5.540   4.816   1.00 0.00 ? 14 C A N3     1 
ATOM 434 C C4     . C A 1 14 ? 4.948   4.455   5.119   1.00 0.00 ? 14 C A C4     1 
ATOM 435 N N4     . C A 1 14 ? 4.373   3.480   5.827   1.00 0.00 ? 14 C A N4     1 
ATOM 436 C C5     . C A 1 14 ? 6.333   4.355   4.727   1.00 0.00 ? 14 C A C5     1 
ATOM 437 C C6     . C A 1 14 ? 6.847   5.390   4.011   1.00 0.00 ? 14 C A C6     1 
ATOM 438 H "H5'"  . C A 1 14 ? 10.018  6.998   0.597   1.00 0.00 ? 14 C A "H5'"  1 
ATOM 439 H "H5''" . C A 1 14 ? 10.936  7.743   1.913   1.00 0.00 ? 14 C A "H5''" 1 
ATOM 440 H "H4'"  . C A 1 14 ? 8.715   8.833   1.460   1.00 0.00 ? 14 C A "H4'"  1 
ATOM 441 H "H3'"  . C A 1 14 ? 9.110   7.541   4.190   1.00 0.00 ? 14 C A "H3'"  1 
ATOM 442 H "H2'"  . C A 1 14 ? 7.030   8.551   4.817   1.00 0.00 ? 14 C A "H2'"  1 
ATOM 443 H "HO2'" . C A 1 14 ? 7.271   10.101  2.447   1.00 0.00 ? 14 C A "HO2'" 1 
ATOM 444 H "H1'"  . C A 1 14 ? 5.844   8.090   2.271   1.00 0.00 ? 14 C A "H1'"  1 
ATOM 445 H H41    . C A 1 14 ? 3.406   3.584   6.101   1.00 0.00 ? 14 C A H41    1 
ATOM 446 H H42    . C A 1 14 ? 4.895   2.655   6.077   1.00 0.00 ? 14 C A H42    1 
ATOM 447 H H5     . C A 1 14 ? 6.961   3.513   4.977   1.00 0.00 ? 14 C A H5     1 
ATOM 448 H H6     . C A 1 14 ? 7.885   5.343   3.719   1.00 0.00 ? 14 C A H6     1 
ATOM 449 P P      . A A 1 15 ? 10.040  10.096  5.196   1.00 0.00 ? 15 A A P      1 
ATOM 450 O OP1    . A A 1 15 ? 10.898  11.282  4.980   1.00 0.00 ? 15 A A OP1    1 
ATOM 451 O OP2    . A A 1 15 ? 10.543  8.973   6.019   1.00 0.00 ? 15 A A OP2    1 
ATOM 452 O "O5'"  . A A 1 15 ? 8.639   10.612  5.821   1.00 0.00 ? 15 A A "O5'"  1 
ATOM 453 C "C5'"  . A A 1 15 ? 8.123   10.105  7.041   1.00 0.00 ? 15 A A "C5'"  1 
ATOM 454 C "C4'"  . A A 1 15 ? 6.735   10.704  7.319   1.00 0.00 ? 15 A A "C4'"  1 
ATOM 455 O "O4'"  . A A 1 15 ? 5.714   10.079  6.547   1.00 0.00 ? 15 A A "O4'"  1 
ATOM 456 C "C3'"  . A A 1 15 ? 6.318   10.543  8.784   1.00 0.00 ? 15 A A "C3'"  1 
ATOM 457 O "O3'"  . A A 1 15 ? 6.832   11.556  9.625   1.00 0.00 ? 15 A A "O3'"  1 
ATOM 458 C "C2'"  . A A 1 15 ? 4.798   10.599  8.660   1.00 0.00 ? 15 A A "C2'"  1 
ATOM 459 O "O2'"  . A A 1 15 ? 4.335   11.924  8.459   1.00 0.00 ? 15 A A "O2'"  1 
ATOM 460 C "C1'"  . A A 1 15 ? 4.597   9.775   7.379   1.00 0.00 ? 15 A A "C1'"  1 
ATOM 461 N N9     . A A 1 15 ? 4.544   8.319   7.689   1.00 0.00 ? 15 A A N9     1 
ATOM 462 C C8     . A A 1 15 ? 5.428   7.318   7.353   1.00 0.00 ? 15 A A C8     1 
ATOM 463 N N7     . A A 1 15 ? 5.129   6.145   7.838   1.00 0.00 ? 15 A A N7     1 
ATOM 464 C C5     . A A 1 15 ? 3.952   6.370   8.542   1.00 0.00 ? 15 A A C5     1 
ATOM 465 C C6     . A A 1 15 ? 3.097   5.536   9.310   1.00 0.00 ? 15 A A C6     1 
ATOM 466 N N6     . A A 1 15 ? 3.309   4.227   9.478   1.00 0.00 ? 15 A A N6     1 
ATOM 467 N N1     . A A 1 15 ? 2.005   6.080   9.900   1.00 0.00 ? 15 A A N1     1 
ATOM 468 C C2     . A A 1 15 ? 1.762   7.384   9.731   1.00 0.00 ? 15 A A C2     1 
ATOM 469 N N3     . A A 1 15 ? 2.478   8.266   9.025   1.00 0.00 ? 15 A A N3     1 
ATOM 470 C C4     . A A 1 15 ? 3.581   7.693   8.449   1.00 0.00 ? 15 A A C4     1 
ATOM 471 H "H5'"  . A A 1 15 ? 8.799   10.400  7.845   1.00 0.00 ? 15 A A "H5'"  1 
ATOM 472 H "H5''" . A A 1 15 ? 8.058   9.016   7.023   1.00 0.00 ? 15 A A "H5''" 1 
ATOM 473 H "H4'"  . A A 1 15 ? 6.742   11.768  7.071   1.00 0.00 ? 15 A A "H4'"  1 
ATOM 474 H "H3'"  . A A 1 15 ? 6.622   9.565   9.160   1.00 0.00 ? 15 A A "H3'"  1 
ATOM 475 H "HO3'" . A A 1 15 ? 6.440   12.393  9.364   1.00 0.00 ? 15 A A "HO3'" 1 
ATOM 476 H "H2'"  . A A 1 15 ? 4.308   10.180  9.540   1.00 0.00 ? 15 A A "H2'"  1 
ATOM 477 H "HO2'" . A A 1 15 ? 4.692   12.254  7.631   1.00 0.00 ? 15 A A "HO2'" 1 
ATOM 478 H "H1'"  . A A 1 15 ? 3.671   10.054  6.874   1.00 0.00 ? 15 A A "H1'"  1 
ATOM 479 H H8     . A A 1 15 ? 6.305   7.476   6.748   1.00 0.00 ? 15 A A H8     1 
ATOM 480 H H61    . A A 1 15 ? 2.656   3.687   10.028  1.00 0.00 ? 15 A A H61    1 
ATOM 481 H H62    . A A 1 15 ? 4.105   3.785   9.043   1.00 0.00 ? 15 A A H62    1 
ATOM 482 H H2     . A A 1 15 ? 0.877   7.769   10.216  1.00 0.00 ? 15 A A H2     1 
# 
